data_1BBJ
#
_entry.id   1BBJ
#
_cell.length_a   67.500
_cell.length_b   93.200
_cell.length_c   208.800
_cell.angle_alpha   90.00
_cell.angle_beta   90.00
_cell.angle_gamma   90.00
#
_symmetry.space_group_name_H-M   'P 21 21 21'
#
loop_
_entity.id
_entity.type
_entity.pdbx_description
1 polymer 'IGG4-KAPPA B72.3 FAB (LIGHT CHAIN)'
2 polymer 'IGG4-KAPPA B72.3 FAB (HEAVY CHAIN)'
#
loop_
_entity_poly.entity_id
_entity_poly.type
_entity_poly.pdbx_seq_one_letter_code
_entity_poly.pdbx_strand_id
1 'polypeptide(L)'
;DIQMTQSPASLSVSVGETVTITCRASENIYSNLAWYQQKQGKSPQLLVYAATNLADGVPSRFSGSGSGTQYSLKINSLQS
EDFGSYYCQHFWGTPYTFGGGTRLEIKRADAAPTVFIFPPSDEQLKSGTASVVCLLNNFYPREAKVQWKVDNALQSGNSQ
ESVTEQDSKDSTYSLSSTLTLSKADYEKHKVYACEVTHQGLSSPVTKSFNR
;
L,A
2 'polypeptide(L)'
;(PCA)VQLQQSDAELVKPGASVKISCKASGYTFTDHAIHWAKQKPEQGLEWIGYISPGNDDIKYNEKFKGKATLTADKSS
STAYMQLNSLTSEDSAVYFCKRSYYGHWGQGTTLTVSSASTKGPSVFPLAPCSRSTSESTAALGCLVKDYFPEPVTVSWN
SGALTSGVHTFPAVLQSSGLYSLSSVVTVPSSSLGTKTYTCNVDHKPSNTKVDKRV
;
H,B
#
# COMPACT_ATOMS: atom_id res chain seq x y z
N ASP A 1 29.37 11.96 12.72
CA ASP A 1 28.03 12.40 13.07
C ASP A 1 27.58 12.70 11.65
N ILE A 2 26.44 12.13 11.29
CA ILE A 2 25.90 12.15 9.94
C ILE A 2 24.41 12.29 10.18
N GLN A 3 23.87 13.42 9.78
CA GLN A 3 22.51 13.78 10.10
C GLN A 3 21.50 13.46 9.02
N MET A 4 20.40 12.85 9.40
CA MET A 4 19.36 12.47 8.48
C MET A 4 18.41 13.62 8.58
N THR A 5 17.88 14.07 7.65
CA THR A 5 16.84 15.11 7.53
C THR A 5 15.56 14.49 6.95
N GLN A 6 14.47 14.63 7.66
CA GLN A 6 13.17 14.08 7.21
C GLN A 6 12.31 15.20 6.63
N SER A 7 11.56 14.93 5.57
CA SER A 7 10.63 15.90 5.05
C SER A 7 9.50 15.09 4.48
N PRO A 8 8.24 15.45 4.66
CA PRO A 8 7.81 16.64 5.33
C PRO A 8 7.75 16.41 6.82
N ALA A 9 7.40 17.44 7.57
CA ALA A 9 7.16 17.25 8.98
C ALA A 9 5.72 16.80 9.33
N SER A 10 4.66 17.41 8.77
CA SER A 10 3.27 16.99 9.00
C SER A 10 2.48 16.80 7.69
N LEU A 11 1.54 15.87 7.78
CA LEU A 11 0.84 15.40 6.63
C LEU A 11 -0.56 15.05 7.09
N SER A 12 -1.51 15.75 6.50
CA SER A 12 -2.90 15.47 6.77
C SER A 12 -3.34 14.94 5.44
N VAL A 13 -3.54 13.64 5.23
CA VAL A 13 -3.91 13.16 3.91
C VAL A 13 -4.96 12.08 4.05
N SER A 14 -5.89 12.23 3.13
CA SER A 14 -7.14 11.47 3.07
C SER A 14 -6.93 9.98 2.96
N VAL A 15 -7.88 9.16 3.37
CA VAL A 15 -7.73 7.73 3.24
C VAL A 15 -7.64 7.40 1.74
N GLY A 16 -7.14 6.26 1.33
CA GLY A 16 -7.04 5.96 -0.08
C GLY A 16 -5.95 6.76 -0.78
N GLU A 17 -5.51 7.89 -0.29
CA GLU A 17 -4.44 8.52 -1.08
C GLU A 17 -3.11 7.81 -0.83
N THR A 18 -2.11 8.33 -1.51
CA THR A 18 -0.74 7.81 -1.47
C THR A 18 0.21 8.90 -0.95
N VAL A 19 0.89 8.49 0.10
CA VAL A 19 1.82 9.32 0.87
C VAL A 19 3.26 9.04 0.46
N THR A 20 4.14 10.09 0.57
CA THR A 20 5.56 9.93 0.31
C THR A 20 6.31 10.79 1.31
N ILE A 21 7.00 10.05 2.18
CA ILE A 21 7.77 10.68 3.21
C ILE A 21 9.23 10.47 2.86
N THR A 22 10.03 11.51 2.72
CA THR A 22 11.45 11.38 2.34
C THR A 22 12.34 11.75 3.49
N CYS A 23 13.49 11.14 3.45
CA CYS A 23 14.46 11.34 4.47
C CYS A 23 15.88 11.36 3.88
N ARG A 24 16.66 12.51 3.89
CA ARG A 24 17.93 12.66 3.18
C ARG A 24 19.12 12.57 4.13
N ALA A 25 20.10 11.74 3.88
CA ALA A 25 21.21 11.59 4.81
C ALA A 25 22.20 12.71 4.54
N SER A 26 22.94 13.29 5.50
CA SER A 26 23.86 14.40 5.26
C SER A 26 25.04 14.07 4.38
N GLU A 27 25.26 12.77 4.27
CA GLU A 27 26.29 12.19 3.43
C GLU A 27 25.86 10.74 3.24
N ASN A 28 26.52 9.80 2.82
CA ASN A 28 25.99 8.62 2.11
C ASN A 28 25.79 7.46 3.09
N ILE A 29 24.91 7.06 4.13
CA ILE A 29 24.42 5.74 4.55
C ILE A 29 24.19 4.87 3.30
N TYR A 30 24.77 3.67 3.30
CA TYR A 30 24.65 2.78 2.10
C TYR A 30 23.48 1.83 2.17
N SER A 31 22.35 2.47 2.18
CA SER A 31 21.05 1.84 2.22
C SER A 31 20.91 1.01 3.50
N ASN A 32 21.44 1.59 4.55
CA ASN A 32 21.27 1.11 5.93
C ASN A 32 20.47 2.19 6.59
N LEU A 33 19.19 1.99 6.48
CA LEU A 33 18.20 2.96 6.88
C LEU A 33 16.97 2.24 7.43
N ALA A 34 16.34 2.58 8.49
CA ALA A 34 15.19 1.79 8.87
C ALA A 34 14.13 2.83 8.95
N TRP A 35 12.90 2.43 8.79
CA TRP A 35 11.80 3.34 8.92
C TRP A 35 10.99 2.80 10.07
N TYR A 36 10.37 3.66 10.85
CA TYR A 36 9.61 3.23 11.99
C TYR A 36 8.36 4.05 12.02
N GLN A 37 7.46 3.46 12.45
CA GLN A 37 6.18 4.05 12.82
C GLN A 37 5.95 3.90 14.31
N GLN A 38 5.68 5.02 14.94
CA GLN A 38 5.44 5.06 16.39
C GLN A 38 4.09 5.69 16.60
N LYS A 39 3.30 5.05 17.45
CA LYS A 39 1.94 5.53 17.63
C LYS A 39 1.75 6.46 18.86
N GLN A 40 1.57 6.14 20.16
CA GLN A 40 1.27 7.36 21.07
C GLN A 40 1.69 7.28 22.53
N GLY A 41 2.44 6.31 22.75
CA GLY A 41 3.05 6.10 24.01
C GLY A 41 3.63 4.75 23.90
N LYS A 42 4.18 4.49 22.73
CA LYS A 42 4.71 3.17 22.47
C LYS A 42 5.90 3.17 21.53
N SER A 43 6.35 1.93 21.85
CA SER A 43 7.52 1.40 21.22
C SER A 43 7.43 1.67 19.74
N PRO A 44 8.42 2.17 19.03
CA PRO A 44 8.45 2.16 17.58
C PRO A 44 8.31 0.77 16.96
N GLN A 45 7.72 0.62 15.77
CA GLN A 45 7.67 -0.67 15.10
C GLN A 45 8.45 -0.53 13.81
N LEU A 46 9.04 -1.65 13.41
CA LEU A 46 9.87 -1.70 12.23
C LEU A 46 9.04 -1.84 10.97
N LEU A 47 9.13 -0.88 10.08
CA LEU A 47 8.45 -0.98 8.82
C LEU A 47 9.39 -1.61 7.80
N VAL A 48 10.53 -0.88 7.66
CA VAL A 48 11.42 -1.40 6.62
C VAL A 48 12.87 -1.27 7.05
N TYR A 49 13.57 -2.38 6.99
CA TYR A 49 14.99 -2.43 7.31
C TYR A 49 15.77 -2.46 6.00
N ALA A 50 17.03 -2.11 6.07
CA ALA A 50 17.95 -2.14 4.90
C ALA A 50 17.42 -1.34 3.67
N ALA A 51 16.88 -0.16 3.95
CA ALA A 51 16.44 0.84 2.94
C ALA A 51 15.50 0.34 1.80
N THR A 52 14.72 -0.70 2.04
CA THR A 52 13.73 -1.17 1.03
C THR A 52 13.12 -2.52 1.38
N ASN A 53 13.71 -3.17 2.36
CA ASN A 53 13.23 -4.49 2.81
C ASN A 53 12.08 -4.31 3.81
N LEU A 54 11.00 -5.02 3.54
CA LEU A 54 9.78 -4.99 4.37
C LEU A 54 9.97 -5.87 5.60
N ALA A 55 9.54 -5.30 6.75
CA ALA A 55 9.67 -6.02 7.99
C ALA A 55 8.48 -6.94 8.06
N ASP A 56 8.73 -8.03 8.72
CA ASP A 56 7.79 -9.11 8.83
C ASP A 56 6.28 -8.88 8.88
N GLY A 57 5.63 -7.99 9.64
CA GLY A 57 4.16 -8.01 9.60
C GLY A 57 3.61 -6.88 8.77
N VAL A 58 4.45 -6.14 8.09
CA VAL A 58 4.01 -4.89 7.52
C VAL A 58 3.22 -5.19 6.28
N PRO A 59 2.15 -4.49 6.03
CA PRO A 59 1.45 -4.51 4.80
C PRO A 59 2.19 -3.90 3.66
N SER A 60 1.92 -4.70 2.64
CA SER A 60 2.16 -4.54 1.22
C SER A 60 1.93 -3.15 0.67
N ARG A 61 1.17 -2.36 1.38
CA ARG A 61 0.91 -1.02 0.99
C ARG A 61 2.03 -0.04 1.30
N PHE A 62 3.05 -0.57 1.96
CA PHE A 62 4.25 0.15 2.32
C PHE A 62 5.44 -0.21 1.45
N SER A 63 6.23 0.69 0.89
CA SER A 63 7.44 0.29 0.20
C SER A 63 8.60 1.19 0.57
N GLY A 64 9.81 0.61 0.64
CA GLY A 64 11.01 1.38 0.91
C GLY A 64 11.69 1.77 -0.40
N SER A 65 12.05 3.00 -0.65
CA SER A 65 12.68 3.38 -1.89
C SER A 65 13.91 4.09 -1.44
N GLY A 66 14.85 4.23 -2.37
CA GLY A 66 15.97 5.12 -2.10
C GLY A 66 17.34 4.45 -2.25
N SER A 67 18.32 5.29 -2.28
CA SER A 67 19.76 5.03 -2.43
C SER A 67 20.57 6.30 -2.15
N GLY A 68 21.85 6.09 -1.99
CA GLY A 68 22.82 7.18 -1.81
C GLY A 68 22.55 8.05 -0.59
N THR A 69 21.52 8.88 -0.67
CA THR A 69 21.19 9.80 0.43
C THR A 69 19.71 10.17 0.48
N GLN A 70 18.98 9.85 -0.57
CA GLN A 70 17.55 10.16 -0.61
C GLN A 70 16.75 8.86 -0.54
N TYR A 71 16.17 8.67 0.63
CA TYR A 71 15.42 7.46 0.84
C TYR A 71 13.96 7.87 0.98
N SER A 72 13.00 6.94 0.89
CA SER A 72 11.59 7.31 0.85
C SER A 72 10.68 6.25 1.39
N LEU A 73 9.63 6.59 2.14
CA LEU A 73 8.66 5.62 2.60
C LEU A 73 7.49 5.99 1.72
N LYS A 74 6.85 5.00 1.11
CA LYS A 74 5.63 5.26 0.39
C LYS A 74 4.53 4.34 0.87
N ILE A 75 3.42 4.96 1.25
CA ILE A 75 2.26 4.25 1.75
C ILE A 75 1.33 4.48 0.57
N ASN A 76 0.69 3.47 -0.04
CA ASN A 76 -0.13 3.77 -1.21
C ASN A 76 -1.64 3.68 -1.03
N SER A 77 -2.32 2.72 -0.40
CA SER A 77 -3.74 2.91 -0.15
C SER A 77 -3.77 3.22 1.32
N LEU A 78 -3.55 4.52 1.61
CA LEU A 78 -3.45 4.97 2.99
C LEU A 78 -4.67 4.54 3.76
N GLN A 79 -4.58 3.98 4.97
CA GLN A 79 -5.78 3.63 5.68
C GLN A 79 -5.92 4.35 7.00
N SER A 80 -7.03 4.14 7.70
CA SER A 80 -7.32 4.83 8.93
C SER A 80 -6.22 4.55 9.92
N GLU A 81 -5.67 3.35 10.07
CA GLU A 81 -4.59 3.20 11.01
C GLU A 81 -3.21 3.38 10.42
N ASP A 82 -3.00 4.49 9.78
CA ASP A 82 -1.69 4.78 9.27
C ASP A 82 -1.30 6.14 9.75
N PHE A 83 -1.98 6.53 10.79
CA PHE A 83 -1.61 7.80 11.35
C PHE A 83 -0.43 7.54 12.27
N GLY A 84 0.13 8.57 12.86
CA GLY A 84 1.25 8.32 13.74
C GLY A 84 2.51 8.98 13.21
N SER A 85 3.63 8.72 13.89
CA SER A 85 4.84 9.33 13.49
C SER A 85 5.66 8.22 12.91
N TYR A 86 6.36 8.69 11.88
CA TYR A 86 7.24 7.84 11.15
C TYR A 86 8.61 8.41 11.35
N TYR A 87 9.62 7.58 11.58
CA TYR A 87 10.96 8.05 11.78
C TYR A 87 11.84 7.18 10.96
N CYS A 88 12.90 7.77 10.41
CA CYS A 88 13.92 6.97 9.74
C CYS A 88 15.22 7.00 10.53
N GLN A 89 16.00 5.91 10.56
CA GLN A 89 17.21 5.85 11.36
C GLN A 89 18.28 5.25 10.50
N HIS A 90 19.51 5.76 10.56
CA HIS A 90 20.58 5.27 9.68
C HIS A 90 21.60 4.42 10.44
N PHE A 91 21.98 3.27 9.92
CA PHE A 91 22.80 2.40 10.72
C PHE A 91 24.13 2.15 10.15
N TRP A 92 24.66 3.19 9.58
CA TRP A 92 25.96 3.00 9.07
C TRP A 92 26.71 4.16 9.62
N GLY A 93 27.69 3.75 10.41
CA GLY A 93 28.58 4.73 10.97
C GLY A 93 27.95 5.27 12.21
N THR A 94 28.57 4.93 13.33
CA THR A 94 28.08 5.44 14.57
C THR A 94 28.38 6.95 14.57
N PRO A 95 27.63 7.81 15.26
CA PRO A 95 26.35 7.56 15.89
C PRO A 95 25.19 7.34 14.93
N TYR A 96 24.36 6.36 15.29
CA TYR A 96 23.25 5.97 14.46
C TYR A 96 22.07 6.91 14.55
N THR A 97 22.13 8.09 13.98
CA THR A 97 21.08 9.12 13.98
C THR A 97 19.63 8.83 13.59
N PHE A 98 18.70 9.60 14.18
CA PHE A 98 17.26 9.52 13.89
C PHE A 98 16.81 10.73 13.08
N GLY A 99 15.87 10.62 12.16
CA GLY A 99 15.37 11.79 11.50
C GLY A 99 14.41 12.43 12.46
N GLY A 100 14.13 13.66 12.06
CA GLY A 100 13.19 14.55 12.74
C GLY A 100 11.76 14.06 12.92
N GLY A 101 11.28 12.97 12.31
CA GLY A 101 9.88 12.56 12.44
C GLY A 101 8.89 13.29 11.52
N THR A 102 7.82 12.56 11.21
CA THR A 102 6.71 12.97 10.37
C THR A 102 5.51 12.49 11.09
N ARG A 103 4.56 13.39 11.31
CA ARG A 103 3.31 13.05 11.99
C ARG A 103 2.26 12.97 10.90
N LEU A 104 1.49 11.90 10.76
CA LEU A 104 0.52 11.74 9.70
C LEU A 104 -0.83 11.69 10.35
N GLU A 105 -1.77 12.58 10.01
CA GLU A 105 -3.15 12.56 10.50
C GLU A 105 -3.93 12.14 9.28
N ILE A 106 -4.72 11.07 9.31
CA ILE A 106 -5.43 10.68 8.10
C ILE A 106 -6.73 11.46 8.07
N LYS A 107 -6.89 12.33 7.07
CA LYS A 107 -8.03 13.24 6.83
C LYS A 107 -9.43 12.65 6.58
N ARG A 108 -10.37 13.34 7.16
CA ARG A 108 -11.71 12.87 7.25
C ARG A 108 -12.57 14.04 6.83
N ALA A 109 -13.82 13.79 6.51
CA ALA A 109 -14.69 14.92 6.27
C ALA A 109 -15.24 15.19 7.66
N ASP A 110 -15.65 16.44 7.86
CA ASP A 110 -16.19 16.92 9.11
C ASP A 110 -17.16 16.03 9.89
N ALA A 111 -17.06 16.17 11.21
CA ALA A 111 -17.94 15.51 12.18
C ALA A 111 -18.07 16.45 13.39
N ALA A 112 -19.28 16.48 13.89
CA ALA A 112 -19.58 17.43 14.93
C ALA A 112 -19.52 16.76 16.30
N PRO A 113 -18.97 17.53 17.25
CA PRO A 113 -18.85 17.07 18.60
C PRO A 113 -20.20 16.84 19.19
N THR A 114 -20.15 15.90 20.06
CA THR A 114 -21.33 15.48 20.75
C THR A 114 -20.92 15.88 22.16
N VAL A 115 -21.53 16.88 22.78
CA VAL A 115 -20.97 17.44 23.99
C VAL A 115 -21.66 17.08 25.28
N PHE A 116 -20.91 16.74 26.30
CA PHE A 116 -21.45 16.33 27.58
C PHE A 116 -20.86 17.25 28.64
N ILE A 117 -21.56 17.44 29.76
CA ILE A 117 -21.00 18.28 30.81
C ILE A 117 -21.15 17.44 32.07
N PHE A 118 -20.16 17.45 32.94
CA PHE A 118 -20.20 16.67 34.15
C PHE A 118 -20.08 17.56 35.38
N PRO A 119 -20.95 17.49 36.40
CA PRO A 119 -20.90 18.31 37.60
C PRO A 119 -19.85 17.79 38.56
N PRO A 120 -19.33 18.62 39.44
CA PRO A 120 -18.37 18.16 40.40
C PRO A 120 -19.07 17.18 41.31
N SER A 121 -18.38 16.07 41.32
CA SER A 121 -18.76 14.96 42.13
C SER A 121 -18.63 15.44 43.56
N ASP A 122 -19.54 15.04 44.42
CA ASP A 122 -19.50 15.46 45.81
C ASP A 122 -18.23 15.07 46.52
N GLU A 123 -17.70 13.85 46.35
CA GLU A 123 -16.47 13.40 47.00
C GLU A 123 -15.41 14.49 46.77
N GLN A 124 -15.38 15.02 45.56
CA GLN A 124 -14.45 16.07 45.25
C GLN A 124 -14.82 17.35 45.95
N LEU A 125 -16.10 17.80 45.98
CA LEU A 125 -16.49 19.05 46.61
C LEU A 125 -16.06 19.12 48.05
N LYS A 126 -16.19 17.95 48.66
CA LYS A 126 -15.82 17.78 50.04
C LYS A 126 -14.30 17.73 50.24
N SER A 127 -13.47 18.05 49.26
CA SER A 127 -12.03 18.14 49.42
C SER A 127 -11.56 19.55 49.13
N GLY A 128 -12.49 20.51 48.90
CA GLY A 128 -12.11 21.92 48.77
C GLY A 128 -11.94 22.47 47.37
N THR A 129 -11.94 21.60 46.36
CA THR A 129 -11.81 22.01 44.98
C THR A 129 -12.93 21.30 44.25
N ALA A 130 -13.37 21.94 43.20
CA ALA A 130 -14.51 21.50 42.44
C ALA A 130 -14.16 21.63 40.97
N SER A 131 -14.13 20.52 40.21
CA SER A 131 -13.84 20.53 38.79
C SER A 131 -15.08 20.26 37.96
N VAL A 132 -15.37 21.12 37.01
CA VAL A 132 -16.50 20.97 36.14
C VAL A 132 -15.87 20.41 34.86
N VAL A 133 -16.17 19.28 34.24
CA VAL A 133 -15.52 18.80 33.01
C VAL A 133 -16.44 18.85 31.81
N CYS A 134 -15.99 19.26 30.66
CA CYS A 134 -16.84 19.32 29.51
C CYS A 134 -16.19 18.42 28.50
N LEU A 135 -16.97 17.70 27.75
CA LEU A 135 -16.45 16.69 26.87
C LEU A 135 -16.96 16.90 25.49
N LEU A 136 -16.33 17.15 24.53
CA LEU A 136 -16.58 17.04 23.08
C LEU A 136 -16.12 15.68 22.58
N ASN A 137 -17.07 14.81 22.31
CA ASN A 137 -16.74 13.45 21.88
C ASN A 137 -16.97 13.20 20.39
N ASN A 138 -15.94 12.58 19.81
CA ASN A 138 -15.88 12.11 18.40
C ASN A 138 -16.24 13.18 17.36
N PHE A 139 -15.29 14.07 17.17
CA PHE A 139 -15.41 15.15 16.20
C PHE A 139 -14.16 15.18 15.30
N TYR A 140 -14.19 16.07 14.34
CA TYR A 140 -13.08 16.27 13.39
C TYR A 140 -13.32 17.56 12.63
N PRO A 141 -12.38 18.37 12.32
CA PRO A 141 -10.99 18.37 12.76
C PRO A 141 -10.82 18.52 14.25
N ARG A 142 -9.57 18.56 14.68
CA ARG A 142 -9.23 18.66 16.10
C ARG A 142 -9.54 20.00 16.71
N GLU A 143 -9.69 21.01 15.87
CA GLU A 143 -9.84 22.34 16.37
C GLU A 143 -11.30 22.58 16.71
N ALA A 144 -11.59 22.53 18.00
CA ALA A 144 -12.89 22.86 18.53
C ALA A 144 -12.65 24.01 19.51
N LYS A 145 -13.54 24.94 19.88
CA LYS A 145 -13.25 25.84 20.99
C LYS A 145 -14.32 25.75 22.08
N VAL A 146 -13.91 25.66 23.35
CA VAL A 146 -14.81 25.53 24.47
C VAL A 146 -14.74 26.77 25.32
N GLN A 147 -15.90 27.34 25.57
CA GLN A 147 -16.02 28.48 26.42
C GLN A 147 -16.86 28.16 27.64
N TRP A 148 -16.36 28.43 28.83
CA TRP A 148 -17.12 28.19 30.01
C TRP A 148 -17.94 29.37 30.42
N LYS A 149 -19.04 29.48 30.62
CA LYS A 149 -19.76 30.51 31.38
C LYS A 149 -20.18 29.96 32.73
N VAL A 150 -19.64 30.56 33.78
CA VAL A 150 -19.89 30.06 35.14
C VAL A 150 -21.20 30.54 35.74
N ASP A 151 -21.64 31.67 35.31
CA ASP A 151 -22.98 32.18 35.57
C ASP A 151 -23.28 32.71 34.18
N ASN A 152 -22.70 33.84 33.89
CA ASN A 152 -22.71 34.37 32.53
C ASN A 152 -21.49 35.27 32.31
N ALA A 153 -20.59 34.72 33.37
CA ALA A 153 -19.28 35.30 33.34
C ALA A 153 -18.44 34.38 32.51
N LEU A 154 -17.96 34.92 31.42
CA LEU A 154 -17.11 34.17 30.53
C LEU A 154 -15.79 33.83 31.23
N GLN A 155 -15.61 32.64 31.79
CA GLN A 155 -14.36 32.30 32.46
C GLN A 155 -13.15 32.31 31.50
N SER A 156 -12.23 33.29 31.46
CA SER A 156 -11.08 33.18 30.58
C SER A 156 -9.91 32.92 31.49
N GLY A 157 -9.24 31.79 31.39
CA GLY A 157 -8.04 31.52 32.18
C GLY A 157 -7.99 30.29 33.10
N ASN A 158 -9.13 29.72 33.55
CA ASN A 158 -9.16 28.64 34.51
C ASN A 158 -9.57 27.28 33.97
N SER A 159 -9.21 26.96 32.72
CA SER A 159 -9.52 25.67 32.12
C SER A 159 -8.35 25.12 31.31
N GLN A 160 -8.22 23.79 31.26
CA GLN A 160 -7.19 23.11 30.48
C GLN A 160 -7.83 22.04 29.60
N GLU A 161 -7.41 21.94 28.35
CA GLU A 161 -7.98 20.93 27.47
C GLU A 161 -7.03 19.77 27.30
N SER A 162 -7.48 18.59 26.91
CA SER A 162 -6.55 17.57 26.43
C SER A 162 -7.35 16.80 25.40
N VAL A 163 -6.65 16.33 24.35
CA VAL A 163 -7.17 15.66 23.16
C VAL A 163 -6.65 14.25 22.87
N THR A 164 -7.46 13.30 22.48
CA THR A 164 -7.00 11.96 22.17
C THR A 164 -6.18 11.79 20.88
N GLU A 165 -5.60 10.59 20.65
CA GLU A 165 -5.03 10.34 19.33
C GLU A 165 -6.25 10.15 18.43
N GLN A 166 -6.09 10.33 17.12
CA GLN A 166 -7.20 10.11 16.21
C GLN A 166 -7.59 8.65 16.33
N ASP A 167 -8.86 8.28 16.18
CA ASP A 167 -9.24 6.89 16.32
C ASP A 167 -8.93 6.01 15.13
N SER A 168 -8.38 4.83 15.39
CA SER A 168 -7.97 3.87 14.39
C SER A 168 -9.02 3.54 13.34
N LYS A 169 -10.25 4.09 13.94
CA LYS A 169 -11.15 3.48 12.95
C LYS A 169 -11.91 4.56 12.18
N ASP A 170 -12.61 5.38 12.94
CA ASP A 170 -13.44 6.45 12.38
C ASP A 170 -12.64 7.74 12.14
N SER A 171 -11.42 7.75 12.64
CA SER A 171 -10.50 8.89 12.46
C SER A 171 -11.08 10.20 13.03
N THR A 172 -11.52 10.13 14.27
CA THR A 172 -12.09 11.29 14.99
C THR A 172 -11.42 11.43 16.36
N TYR A 173 -11.49 12.64 16.74
CA TYR A 173 -10.86 13.06 18.00
C TYR A 173 -11.91 13.06 19.12
N SER A 174 -11.58 13.48 20.35
CA SER A 174 -12.46 13.72 21.50
C SER A 174 -11.66 14.71 22.36
N LEU A 175 -12.19 15.49 23.30
CA LEU A 175 -11.44 16.52 23.99
C LEU A 175 -12.06 16.73 25.35
N SER A 176 -11.30 16.88 26.42
CA SER A 176 -11.90 17.21 27.68
C SER A 176 -11.35 18.59 27.98
N SER A 177 -12.11 19.31 28.79
CA SER A 177 -11.78 20.64 29.24
C SER A 177 -12.23 20.57 30.69
N THR A 178 -11.28 20.61 31.60
CA THR A 178 -11.59 20.56 33.00
C THR A 178 -11.65 22.03 33.49
N LEU A 179 -12.61 22.60 34.25
CA LEU A 179 -12.65 23.97 34.80
C LEU A 179 -12.42 23.78 36.28
N THR A 180 -11.54 24.54 36.91
CA THR A 180 -11.27 24.24 38.30
C THR A 180 -11.59 25.43 39.19
N LEU A 181 -12.39 25.21 40.23
CA LEU A 181 -12.83 26.24 41.14
C LEU A 181 -12.76 25.70 42.55
N SER A 182 -12.54 26.65 43.45
CA SER A 182 -12.49 26.42 44.87
C SER A 182 -13.86 25.96 45.28
N LYS A 183 -14.07 25.25 46.39
CA LYS A 183 -15.44 24.87 46.76
C LYS A 183 -16.29 26.14 46.82
N ALA A 184 -15.65 27.20 47.32
CA ALA A 184 -16.24 28.51 47.43
C ALA A 184 -16.83 29.00 46.14
N ASP A 185 -15.98 29.39 45.19
CA ASP A 185 -16.45 29.88 43.92
C ASP A 185 -17.47 28.93 43.26
N TYR A 186 -17.39 27.57 43.32
CA TYR A 186 -18.44 26.75 42.69
C TYR A 186 -19.72 26.82 43.49
N GLU A 187 -19.57 26.99 44.90
CA GLU A 187 -20.90 26.98 45.52
C GLU A 187 -21.55 28.37 45.40
N LYS A 188 -20.76 29.41 45.02
CA LYS A 188 -21.41 30.75 44.86
C LYS A 188 -21.89 31.03 43.43
N HIS A 189 -22.23 30.00 42.68
CA HIS A 189 -22.80 30.19 41.33
C HIS A 189 -23.75 29.04 40.99
N LYS A 190 -24.80 29.27 40.14
CA LYS A 190 -25.70 28.17 39.78
C LYS A 190 -25.46 27.63 38.37
N VAL A 191 -25.48 28.42 37.29
CA VAL A 191 -25.30 27.88 35.95
C VAL A 191 -23.87 27.59 35.55
N TYR A 192 -23.55 26.37 35.15
CA TYR A 192 -22.23 26.11 34.66
C TYR A 192 -22.39 25.80 33.19
N ALA A 193 -21.65 26.43 32.30
CA ALA A 193 -21.90 26.23 30.90
C ALA A 193 -20.69 26.01 30.09
N CYS A 194 -20.85 24.95 29.33
CA CYS A 194 -19.83 24.49 28.44
C CYS A 194 -20.35 25.01 27.12
N GLU A 195 -19.79 25.90 26.32
CA GLU A 195 -20.37 26.29 25.03
C GLU A 195 -19.34 25.94 23.98
N VAL A 196 -19.62 25.02 23.04
CA VAL A 196 -18.66 24.51 22.04
C VAL A 196 -18.88 25.09 20.65
N THR A 197 -17.86 25.57 19.96
CA THR A 197 -17.98 26.01 18.59
C THR A 197 -17.23 24.97 17.77
N HIS A 198 -17.52 24.70 16.52
CA HIS A 198 -16.72 23.77 15.72
C HIS A 198 -17.33 23.90 14.35
N GLN A 199 -16.49 24.01 13.32
CA GLN A 199 -17.03 23.98 11.96
C GLN A 199 -17.56 22.56 11.91
N GLY A 200 -18.78 22.38 11.46
CA GLY A 200 -19.33 21.05 11.51
C GLY A 200 -20.58 21.16 12.33
N LEU A 201 -20.60 22.12 13.24
CA LEU A 201 -21.79 22.42 13.96
C LEU A 201 -22.28 23.63 13.19
N SER A 202 -23.58 23.59 12.90
CA SER A 202 -24.24 24.69 12.22
C SER A 202 -24.29 25.96 13.07
N SER A 203 -24.59 25.76 14.37
CA SER A 203 -24.77 26.85 15.31
C SER A 203 -24.33 26.35 16.68
N PRO A 204 -23.46 27.05 17.43
CA PRO A 204 -22.87 26.57 18.65
C PRO A 204 -23.85 26.06 19.68
N VAL A 205 -23.49 24.87 20.10
CA VAL A 205 -24.25 24.11 21.05
C VAL A 205 -23.73 24.47 22.43
N THR A 206 -24.53 24.49 23.49
CA THR A 206 -24.06 24.86 24.82
C THR A 206 -24.70 23.88 25.77
N LYS A 207 -23.98 23.29 26.70
CA LYS A 207 -24.52 22.33 27.65
C LYS A 207 -24.43 22.98 29.00
N SER A 208 -25.34 22.73 29.94
CA SER A 208 -25.27 23.41 31.23
C SER A 208 -25.97 22.65 32.34
N PHE A 209 -25.65 22.97 33.62
CA PHE A 209 -26.30 22.42 34.80
C PHE A 209 -26.36 23.49 35.88
N ASN A 210 -27.06 23.26 37.01
CA ASN A 210 -27.24 24.25 38.06
C ASN A 210 -26.79 23.83 39.43
N ARG A 211 -26.09 24.57 40.33
CA ARG A 211 -25.87 24.40 41.81
C ARG A 211 -24.53 24.76 42.52
N VAL B 2 11.17 -13.09 20.97
CA VAL B 2 11.81 -11.91 21.55
C VAL B 2 10.92 -10.94 22.33
N GLN B 3 11.23 -10.84 23.62
CA GLN B 3 10.50 -9.99 24.53
C GLN B 3 11.57 -9.25 25.29
N LEU B 4 11.45 -7.94 25.49
CA LEU B 4 12.40 -7.20 26.28
C LEU B 4 11.55 -6.49 27.32
N GLN B 5 11.75 -6.84 28.60
CA GLN B 5 10.98 -6.25 29.69
C GLN B 5 11.79 -5.15 30.35
N GLN B 6 11.29 -3.92 30.33
CA GLN B 6 12.03 -2.83 30.95
C GLN B 6 11.58 -2.60 32.38
N SER B 7 12.34 -1.78 33.12
CA SER B 7 11.96 -1.40 34.46
C SER B 7 10.71 -0.55 34.36
N ASP B 8 9.96 -0.45 35.46
CA ASP B 8 8.82 0.47 35.50
C ASP B 8 9.35 1.86 35.76
N ALA B 9 8.45 2.84 35.67
CA ALA B 9 8.89 4.20 35.79
C ALA B 9 9.56 4.49 37.12
N GLU B 10 10.43 5.48 37.12
CA GLU B 10 11.19 5.85 38.29
C GLU B 10 11.06 7.36 38.41
N LEU B 11 10.82 7.86 39.64
CA LEU B 11 10.95 9.32 39.90
C LEU B 11 12.34 9.49 40.54
N VAL B 12 13.30 10.34 40.12
CA VAL B 12 14.60 10.40 40.78
C VAL B 12 14.94 11.85 40.98
N LYS B 13 15.64 12.00 42.09
CA LYS B 13 16.01 13.30 42.55
C LYS B 13 17.12 13.94 41.74
N PRO B 14 17.09 15.24 41.43
CA PRO B 14 18.13 15.96 40.73
C PRO B 14 19.50 15.67 41.26
N GLY B 15 20.49 15.86 40.41
CA GLY B 15 21.83 15.48 40.78
C GLY B 15 21.92 14.00 41.20
N ALA B 16 20.91 13.12 41.15
CA ALA B 16 21.14 11.74 41.55
C ALA B 16 21.38 10.81 40.36
N SER B 17 21.19 9.51 40.48
CA SER B 17 21.38 8.64 39.36
C SER B 17 20.40 7.51 39.38
N VAL B 18 19.81 7.27 38.24
CA VAL B 18 18.85 6.19 38.16
C VAL B 18 19.49 4.99 37.48
N LYS B 19 19.01 3.73 37.57
CA LYS B 19 19.56 2.58 36.83
C LYS B 19 18.50 1.72 36.13
N ILE B 20 18.30 1.81 34.82
CA ILE B 20 17.26 1.11 34.09
C ILE B 20 17.70 -0.23 33.58
N SER B 21 16.87 -1.23 33.80
CA SER B 21 17.13 -2.57 33.35
C SER B 21 16.50 -2.77 31.98
N CYS B 22 16.95 -3.76 31.24
CA CYS B 22 16.30 -4.19 30.03
C CYS B 22 16.47 -5.68 30.16
N LYS B 23 15.46 -6.40 30.60
CA LYS B 23 15.56 -7.83 30.74
C LYS B 23 15.12 -8.55 29.49
N ALA B 24 16.11 -8.95 28.71
CA ALA B 24 15.95 -9.65 27.45
C ALA B 24 15.45 -11.08 27.55
N SER B 25 14.39 -11.42 26.85
CA SER B 25 13.83 -12.75 26.92
C SER B 25 13.63 -13.36 25.56
N GLY B 26 13.79 -14.68 25.53
CA GLY B 26 13.45 -15.47 24.37
C GLY B 26 14.36 -15.41 23.16
N TYR B 27 15.64 -15.31 23.44
CA TYR B 27 16.70 -15.33 22.44
C TYR B 27 17.96 -15.40 23.31
N THR B 28 19.09 -15.74 22.72
CA THR B 28 20.36 -15.87 23.44
C THR B 28 21.07 -14.50 23.63
N PHE B 29 21.18 -13.77 24.55
CA PHE B 29 21.54 -12.41 24.99
C PHE B 29 22.91 -11.99 24.41
N THR B 30 23.81 -12.89 24.63
CA THR B 30 25.26 -12.81 24.43
C THR B 30 25.76 -12.49 22.97
N ASP B 31 24.91 -12.54 21.95
CA ASP B 31 25.36 -12.22 20.56
C ASP B 31 24.57 -11.04 19.98
N HIS B 32 23.88 -10.23 20.74
CA HIS B 32 23.16 -9.10 20.20
C HIS B 32 23.24 -7.88 21.06
N ALA B 33 23.84 -6.90 20.41
CA ALA B 33 23.89 -5.58 20.98
C ALA B 33 22.53 -5.11 21.46
N ILE B 34 22.49 -4.38 22.55
CA ILE B 34 21.25 -3.83 23.00
C ILE B 34 21.52 -2.38 22.78
N HIS B 35 20.63 -1.69 22.11
CA HIS B 35 20.85 -0.28 21.91
C HIS B 35 19.87 0.40 22.83
N TRP B 36 20.18 1.65 23.12
CA TRP B 36 19.41 2.49 24.02
C TRP B 36 19.02 3.74 23.25
N ALA B 37 17.85 4.28 23.47
CA ALA B 37 17.43 5.49 22.81
C ALA B 37 16.65 6.32 23.81
N LYS B 38 16.55 7.62 23.66
CA LYS B 38 15.85 8.47 24.60
C LYS B 38 14.94 9.27 23.74
N GLN B 39 13.72 9.20 23.92
CA GLN B 39 12.73 10.12 23.36
C GLN B 39 12.08 10.92 24.48
N LYS B 40 12.16 12.23 24.34
CA LYS B 40 11.56 13.17 25.32
C LYS B 40 10.03 13.18 25.08
N PRO B 41 9.14 14.01 25.73
CA PRO B 41 7.65 14.03 25.49
C PRO B 41 7.18 14.08 24.05
N GLU B 42 7.26 15.24 23.40
CA GLU B 42 6.73 15.35 22.03
C GLU B 42 7.85 15.76 21.06
N GLN B 43 8.83 14.81 21.11
CA GLN B 43 9.99 14.95 20.26
C GLN B 43 10.59 13.64 19.71
N GLY B 44 11.73 13.85 19.03
CA GLY B 44 12.51 12.83 18.39
C GLY B 44 13.25 12.03 19.42
N LEU B 45 13.76 10.99 18.86
CA LEU B 45 14.51 10.11 19.68
C LEU B 45 15.94 10.40 19.30
N GLU B 46 16.87 10.14 20.18
CA GLU B 46 18.27 10.18 19.83
C GLU B 46 18.78 8.89 20.38
N TRP B 47 19.93 8.51 19.89
CA TRP B 47 20.51 7.22 20.22
C TRP B 47 21.47 7.34 21.41
N ILE B 48 21.35 6.53 22.46
CA ILE B 48 22.27 6.63 23.57
C ILE B 48 23.49 5.83 23.23
N GLY B 49 23.41 4.57 22.96
CA GLY B 49 24.60 3.83 22.65
C GLY B 49 24.17 2.41 22.61
N TYR B 50 25.13 1.49 22.63
CA TYR B 50 24.81 0.07 22.67
C TYR B 50 25.80 -0.66 23.53
N ILE B 51 25.37 -1.76 24.05
CA ILE B 51 26.22 -2.57 24.85
C ILE B 51 25.90 -3.90 24.19
N SER B 52 26.94 -4.46 23.59
CA SER B 52 26.81 -5.78 23.03
C SER B 52 27.15 -6.53 24.29
N PRO B 53 26.28 -7.31 24.91
CA PRO B 53 26.71 -8.31 25.86
C PRO B 53 27.63 -9.27 25.11
N GLY B 54 28.37 -10.13 25.80
CA GLY B 54 29.26 -11.02 25.04
C GLY B 54 30.59 -10.31 24.84
N ASN B 55 31.19 -10.17 23.36
CA ASN B 55 32.40 -9.34 23.44
C ASN B 55 32.06 -7.94 23.94
N ASP B 56 32.33 -7.62 25.20
CA ASP B 56 31.89 -6.38 25.82
C ASP B 56 32.31 -5.08 25.13
N ASP B 57 31.71 -4.86 23.96
CA ASP B 57 31.95 -3.73 23.06
C ASP B 57 30.90 -2.72 23.47
N ILE B 58 31.21 -1.46 23.81
CA ILE B 58 30.13 -0.51 24.07
C ILE B 58 30.51 0.70 23.27
N LYS B 59 29.56 1.47 22.74
CA LYS B 59 29.92 2.69 22.05
C LYS B 59 28.80 3.61 22.38
N TYR B 60 29.15 4.85 22.54
CA TYR B 60 28.20 5.80 23.01
C TYR B 60 28.09 6.87 21.98
N ASN B 61 26.90 7.43 21.94
CA ASN B 61 26.69 8.66 21.21
C ASN B 61 27.53 9.58 22.07
N GLU B 62 28.41 10.31 21.42
CA GLU B 62 29.24 11.32 22.04
C GLU B 62 28.43 12.19 23.02
N LYS B 63 27.26 12.79 22.74
CA LYS B 63 26.50 13.61 23.70
C LYS B 63 26.09 12.88 24.97
N PHE B 64 26.32 11.58 25.06
CA PHE B 64 25.96 10.83 26.22
C PHE B 64 27.12 10.13 26.93
N LYS B 65 28.40 10.15 26.49
CA LYS B 65 29.51 9.54 27.26
C LYS B 65 29.47 10.41 28.50
N GLY B 66 29.39 9.84 29.70
CA GLY B 66 29.30 10.71 30.87
C GLY B 66 27.93 10.65 31.53
N LYS B 67 26.94 10.78 30.82
CA LYS B 67 25.64 10.77 31.50
C LYS B 67 25.09 9.34 31.56
N ALA B 68 25.39 8.54 30.61
CA ALA B 68 25.00 7.15 30.73
C ALA B 68 26.13 6.18 30.88
N THR B 69 25.92 5.01 31.44
CA THR B 69 26.96 4.02 31.44
C THR B 69 26.25 2.72 31.13
N LEU B 70 26.43 2.13 29.95
CA LEU B 70 25.73 0.91 29.59
C LEU B 70 26.58 -0.18 30.17
N THR B 71 25.92 -1.27 30.54
CA THR B 71 26.47 -2.33 31.36
C THR B 71 25.59 -3.52 31.07
N ALA B 72 26.05 -4.74 31.21
CA ALA B 72 25.18 -5.89 31.01
C ALA B 72 25.62 -6.98 31.91
N ASP B 73 24.67 -7.82 32.19
CA ASP B 73 24.98 -8.92 33.03
C ASP B 73 24.57 -10.12 32.19
N LYS B 74 25.54 -10.89 31.72
CA LYS B 74 25.51 -11.99 30.75
C LYS B 74 24.56 -13.09 31.24
N SER B 75 24.16 -13.18 32.52
CA SER B 75 23.44 -14.31 33.10
C SER B 75 21.94 -14.19 33.36
N SER B 76 21.42 -12.96 33.57
CA SER B 76 19.97 -12.79 33.68
C SER B 76 19.45 -12.01 32.46
N SER B 77 20.34 -11.90 31.50
CA SER B 77 20.07 -11.22 30.22
C SER B 77 19.51 -9.83 30.46
N THR B 78 20.20 -9.07 31.28
CA THR B 78 19.74 -7.72 31.59
C THR B 78 20.80 -6.70 31.23
N ALA B 79 20.41 -5.80 30.29
CA ALA B 79 21.33 -4.70 30.02
C ALA B 79 20.90 -3.60 30.97
N TYR B 80 21.75 -2.62 31.18
CA TYR B 80 21.41 -1.58 32.09
C TYR B 80 21.97 -0.35 31.52
N MET B 81 21.29 0.69 31.89
CA MET B 81 21.77 2.00 31.56
C MET B 81 21.61 2.72 32.87
N GLN B 82 22.57 3.57 33.21
CA GLN B 82 22.54 4.39 34.39
C GLN B 82 22.78 5.79 33.93
N LEU B 83 21.98 6.64 34.51
CA LEU B 83 22.02 8.00 34.11
C LEU B 83 22.38 8.69 35.39
N ASN B 84 23.51 9.34 35.21
CA ASN B 84 24.25 10.06 36.21
C ASN B 84 23.91 11.52 36.20
N SER B 85 24.04 12.07 37.42
CA SER B 85 23.77 13.46 37.74
C SER B 85 22.51 14.00 37.09
N LEU B 86 21.44 13.26 37.38
CA LEU B 86 20.17 13.51 36.76
C LEU B 86 19.73 14.93 36.90
N THR B 87 19.10 15.37 35.86
CA THR B 87 18.65 16.73 35.81
C THR B 87 17.39 16.74 34.98
N SER B 88 16.64 17.84 35.00
CA SER B 88 15.34 18.00 34.36
C SER B 88 15.32 17.59 32.92
N GLU B 89 16.40 17.91 32.22
CA GLU B 89 16.53 17.54 30.84
C GLU B 89 16.54 16.03 30.73
N ASP B 90 17.11 15.30 31.67
CA ASP B 90 17.04 13.86 31.64
C ASP B 90 15.66 13.27 31.82
N SER B 91 14.57 14.03 31.99
CA SER B 91 13.26 13.42 32.13
C SER B 91 12.80 12.98 30.73
N ALA B 92 12.56 11.71 30.43
CA ALA B 92 12.17 11.30 29.08
C ALA B 92 11.87 9.83 29.07
N VAL B 93 11.50 9.26 27.95
CA VAL B 93 11.29 7.85 27.95
C VAL B 93 12.55 7.34 27.36
N TYR B 94 13.04 6.27 27.98
CA TYR B 94 14.26 5.65 27.57
C TYR B 94 13.83 4.29 27.05
N PHE B 95 14.36 3.86 25.91
CA PHE B 95 14.00 2.60 25.27
C PHE B 95 15.18 1.67 25.02
N CYS B 96 15.16 0.30 25.11
CA CYS B 96 16.28 -0.58 24.70
C CYS B 96 15.87 -1.34 23.41
N LYS B 97 16.83 -2.08 22.83
CA LYS B 97 16.62 -2.79 21.52
C LYS B 97 17.48 -4.07 21.33
N ARG B 98 17.08 -4.87 20.31
CA ARG B 98 17.67 -6.23 20.02
C ARG B 98 18.80 -6.34 18.96
N SER B 99 19.04 -5.33 18.17
CA SER B 99 20.07 -5.46 17.12
C SER B 99 20.19 -4.12 16.41
N TYR B 100 20.37 -4.19 15.13
CA TYR B 100 20.35 -2.99 14.31
C TYR B 100 18.86 -2.74 14.07
N TYR B 101 18.25 -3.73 13.45
CA TYR B 101 16.80 -3.71 13.17
C TYR B 101 16.11 -4.73 14.07
N GLY B 102 15.67 -4.28 15.20
CA GLY B 102 15.07 -5.18 16.15
C GLY B 102 13.88 -4.58 16.86
N HIS B 103 13.56 -5.50 17.70
CA HIS B 103 12.39 -5.31 18.56
C HIS B 103 12.72 -4.35 19.70
N TRP B 104 11.86 -3.31 19.85
CA TRP B 104 12.02 -2.33 20.92
C TRP B 104 11.34 -2.84 22.19
N GLY B 105 11.79 -2.36 23.29
CA GLY B 105 11.15 -2.62 24.54
C GLY B 105 10.14 -1.52 24.76
N GLN B 106 9.40 -1.78 25.80
CA GLN B 106 8.28 -0.98 26.19
C GLN B 106 8.51 0.48 26.55
N GLY B 107 9.68 0.90 27.00
CA GLY B 107 9.84 2.26 27.48
C GLY B 107 9.67 2.38 28.99
N THR B 108 10.63 3.09 29.59
CA THR B 108 10.67 3.38 31.02
C THR B 108 10.60 4.91 31.10
N THR B 109 9.75 5.45 31.93
CA THR B 109 9.53 6.89 31.94
C THR B 109 10.28 7.55 33.10
N LEU B 110 11.30 8.38 32.90
CA LEU B 110 12.02 8.94 34.04
C LEU B 110 11.50 10.32 34.42
N THR B 111 10.96 10.60 35.60
CA THR B 111 10.59 11.99 35.85
C THR B 111 11.70 12.40 36.75
N VAL B 112 12.35 13.50 36.46
CA VAL B 112 13.41 13.92 37.34
C VAL B 112 12.96 15.18 38.01
N SER B 113 12.65 14.99 39.28
CA SER B 113 12.13 16.09 40.04
C SER B 113 12.48 15.93 41.49
N SER B 114 12.28 17.12 42.03
CA SER B 114 12.43 17.52 43.40
C SER B 114 11.19 17.16 44.23
N ALA B 115 10.02 17.19 43.59
CA ALA B 115 8.74 16.95 44.24
C ALA B 115 8.57 15.58 44.86
N SER B 116 7.54 15.39 45.70
CA SER B 116 7.24 14.08 46.29
C SER B 116 6.17 13.39 45.46
N THR B 117 6.16 12.07 45.55
CA THR B 117 5.20 11.20 44.87
C THR B 117 3.81 11.24 45.47
N LYS B 118 2.76 11.50 44.68
CA LYS B 118 1.39 11.44 45.15
C LYS B 118 0.63 10.52 44.22
N GLY B 119 0.03 9.52 44.81
CA GLY B 119 -0.88 8.61 44.14
C GLY B 119 -2.21 9.34 44.00
N PRO B 120 -3.10 8.92 43.13
CA PRO B 120 -4.19 9.72 42.67
C PRO B 120 -5.45 9.63 43.53
N SER B 121 -6.32 10.61 43.33
CA SER B 121 -7.66 10.62 43.92
C SER B 121 -8.56 10.24 42.77
N VAL B 122 -9.41 9.22 42.85
CA VAL B 122 -10.26 8.92 41.71
C VAL B 122 -11.67 9.47 41.88
N PHE B 123 -11.99 10.54 41.17
CA PHE B 123 -13.33 11.06 41.19
C PHE B 123 -14.20 10.53 40.08
N PRO B 124 -15.48 10.44 40.34
CA PRO B 124 -16.46 10.09 39.33
C PRO B 124 -17.09 11.18 38.48
N LEU B 125 -17.34 10.86 37.22
CA LEU B 125 -17.95 11.74 36.24
C LEU B 125 -19.19 11.02 35.78
N ALA B 126 -20.36 11.55 36.13
CA ALA B 126 -21.63 10.97 35.70
C ALA B 126 -22.65 12.08 35.49
N PRO B 127 -23.56 12.12 34.49
CA PRO B 127 -24.27 13.34 34.09
C PRO B 127 -25.36 13.74 35.10
N CYS B 128 -25.99 14.99 35.09
CA CYS B 128 -26.99 15.40 36.09
C CYS B 128 -28.35 14.75 35.77
N SER B 129 -28.50 14.33 34.50
CA SER B 129 -29.75 13.67 34.00
C SER B 129 -29.54 13.03 32.61
N ARG B 130 -30.49 12.13 32.19
CA ARG B 130 -30.42 11.42 30.91
C ARG B 130 -30.84 12.36 29.78
N SER B 131 -30.78 11.83 28.56
CA SER B 131 -31.15 12.58 27.34
C SER B 131 -30.42 13.92 27.31
N THR B 132 -29.18 13.81 27.72
CA THR B 132 -28.24 14.92 27.86
C THR B 132 -27.89 15.51 26.49
N SER B 133 -28.03 14.67 25.49
CA SER B 133 -27.79 15.03 24.07
C SER B 133 -28.52 14.00 23.18
N GLU B 134 -27.96 12.81 23.09
CA GLU B 134 -28.56 11.68 22.33
C GLU B 134 -28.82 10.52 23.31
N SER B 135 -29.02 9.34 22.74
CA SER B 135 -29.26 8.12 23.54
C SER B 135 -27.94 7.52 24.00
N THR B 136 -27.02 8.41 24.49
CA THR B 136 -25.65 8.12 24.76
C THR B 136 -25.37 8.86 26.04
N ALA B 137 -24.91 8.07 26.95
CA ALA B 137 -24.58 8.56 28.25
C ALA B 137 -23.10 8.41 28.33
N ALA B 138 -22.47 9.27 29.10
CA ALA B 138 -21.06 9.13 29.26
C ALA B 138 -20.81 9.02 30.74
N LEU B 139 -19.82 8.22 31.13
CA LEU B 139 -19.37 8.08 32.50
C LEU B 139 -17.87 8.19 32.49
N GLY B 140 -17.18 8.45 33.58
CA GLY B 140 -15.75 8.50 33.52
C GLY B 140 -15.14 8.54 34.88
N CYS B 141 -13.83 8.60 35.01
CA CYS B 141 -13.18 8.75 36.26
C CYS B 141 -12.27 9.87 36.02
N LEU B 142 -12.01 10.58 37.09
CA LEU B 142 -11.12 11.73 37.07
C LEU B 142 -10.04 11.22 37.96
N VAL B 143 -9.09 10.98 37.57
CA VAL B 143 -7.82 10.70 38.25
C VAL B 143 -7.10 12.02 38.44
N LYS B 144 -7.38 12.63 39.56
CA LYS B 144 -6.84 13.95 39.85
C LYS B 144 -5.72 13.91 40.90
N ASP B 145 -4.87 14.90 40.71
CA ASP B 145 -3.72 15.22 41.58
C ASP B 145 -2.79 14.04 41.89
N TYR B 146 -2.07 13.54 40.88
CA TYR B 146 -1.06 12.49 41.12
C TYR B 146 0.28 12.96 40.55
N PHE B 147 1.36 12.34 40.96
CA PHE B 147 2.68 12.66 40.49
C PHE B 147 3.42 11.39 40.82
N PRO B 148 4.31 10.87 40.02
CA PRO B 148 4.58 11.37 38.69
C PRO B 148 3.76 10.60 37.68
N GLU B 149 3.92 10.95 36.40
CA GLU B 149 3.31 10.17 35.32
C GLU B 149 3.98 8.80 35.33
N PRO B 150 3.40 7.69 34.94
CA PRO B 150 2.16 7.56 34.25
C PRO B 150 1.01 6.93 35.06
N VAL B 151 -0.28 7.17 34.75
CA VAL B 151 -1.36 6.46 35.43
C VAL B 151 -1.99 5.51 34.44
N THR B 152 -2.44 4.27 34.67
CA THR B 152 -3.14 3.57 33.60
C THR B 152 -4.58 3.31 33.95
N VAL B 153 -5.53 3.70 33.11
CA VAL B 153 -6.95 3.49 33.41
C VAL B 153 -7.42 2.32 32.58
N SER B 154 -8.32 1.50 33.09
CA SER B 154 -8.84 0.37 32.35
C SER B 154 -10.31 0.25 32.72
N TRP B 155 -11.32 0.07 31.86
CA TRP B 155 -12.64 -0.06 32.43
C TRP B 155 -13.03 -1.53 32.57
N ASN B 156 -13.90 -1.77 33.53
CA ASN B 156 -14.33 -3.07 33.95
C ASN B 156 -13.34 -4.17 34.01
N SER B 157 -12.23 -3.78 34.60
CA SER B 157 -11.10 -4.65 34.83
C SER B 157 -10.65 -5.32 33.52
N GLY B 158 -10.61 -4.47 32.49
CA GLY B 158 -10.07 -4.82 31.20
C GLY B 158 -11.15 -5.25 30.22
N ALA B 159 -12.31 -5.67 30.70
CA ALA B 159 -13.34 -6.14 29.81
C ALA B 159 -14.11 -5.06 29.03
N LEU B 160 -13.72 -3.79 29.00
CA LEU B 160 -14.54 -2.78 28.37
C LEU B 160 -13.67 -1.93 27.49
N THR B 161 -13.70 -2.16 26.19
CA THR B 161 -12.90 -1.41 25.23
C THR B 161 -13.75 -0.43 24.39
N SER B 162 -14.91 -0.93 24.02
CA SER B 162 -15.90 -0.28 23.20
C SER B 162 -16.45 1.03 23.77
N GLY B 163 -15.75 2.11 23.49
CA GLY B 163 -16.24 3.41 23.89
C GLY B 163 -15.37 4.16 24.90
N VAL B 164 -14.26 3.60 25.42
CA VAL B 164 -13.44 4.33 26.37
C VAL B 164 -12.55 5.30 25.67
N HIS B 165 -12.21 6.36 26.37
CA HIS B 165 -11.33 7.35 25.84
C HIS B 165 -10.64 7.80 27.09
N THR B 166 -9.33 7.72 27.13
CA THR B 166 -8.55 8.17 28.27
C THR B 166 -7.65 9.22 27.67
N PHE B 167 -7.77 10.42 28.21
CA PHE B 167 -7.06 11.60 27.72
C PHE B 167 -5.57 11.67 28.13
N PRO B 168 -4.74 12.39 27.42
CA PRO B 168 -3.41 12.62 27.86
C PRO B 168 -3.48 13.36 29.18
N ALA B 169 -2.57 12.96 30.08
CA ALA B 169 -2.53 13.58 31.39
C ALA B 169 -2.18 15.01 31.24
N VAL B 170 -2.79 15.79 32.10
CA VAL B 170 -2.54 17.21 32.10
C VAL B 170 -1.87 17.61 33.41
N LEU B 171 -0.93 18.56 33.27
CA LEU B 171 -0.15 19.14 34.36
C LEU B 171 -0.79 20.44 34.81
N GLN B 172 -1.33 20.35 36.02
CA GLN B 172 -2.06 21.44 36.60
C GLN B 172 -1.13 22.48 37.20
N SER B 173 -1.77 23.57 37.64
CA SER B 173 -1.21 24.69 38.38
C SER B 173 -0.35 24.17 39.57
N SER B 174 -0.89 23.26 40.38
CA SER B 174 -0.17 22.73 41.50
C SER B 174 1.09 22.00 41.20
N GLY B 175 1.25 21.51 39.99
CA GLY B 175 2.41 20.70 39.66
C GLY B 175 2.14 19.21 39.78
N LEU B 176 0.88 18.84 39.93
CA LEU B 176 0.47 17.45 39.92
C LEU B 176 -0.39 17.27 38.68
N TYR B 177 -0.57 16.04 38.23
CA TYR B 177 -1.33 15.74 37.04
C TYR B 177 -2.80 15.49 37.30
N SER B 178 -3.64 15.49 36.27
CA SER B 178 -5.07 15.21 36.30
C SER B 178 -5.32 14.47 35.00
N LEU B 179 -6.40 13.72 34.83
CA LEU B 179 -6.64 12.93 33.64
C LEU B 179 -8.04 12.40 33.83
N SER B 180 -8.81 12.30 32.78
CA SER B 180 -10.18 11.90 32.84
C SER B 180 -10.19 10.66 31.97
N SER B 181 -10.98 9.65 32.21
CA SER B 181 -11.07 8.54 31.31
C SER B 181 -12.55 8.43 31.29
N VAL B 182 -13.15 8.62 30.14
CA VAL B 182 -14.57 8.50 29.98
C VAL B 182 -14.97 7.43 29.02
N VAL B 183 -16.19 6.94 29.20
CA VAL B 183 -16.75 5.89 28.39
C VAL B 183 -18.13 6.36 27.95
N THR B 184 -18.48 6.03 26.72
CA THR B 184 -19.80 6.29 26.21
C THR B 184 -20.49 5.02 25.85
N VAL B 185 -21.64 4.99 26.48
CA VAL B 185 -22.56 3.92 26.32
C VAL B 185 -23.79 4.58 25.75
N PRO B 186 -24.67 3.81 25.16
CA PRO B 186 -26.05 4.21 24.96
C PRO B 186 -26.84 4.33 26.27
N SER B 187 -27.90 5.15 26.34
CA SER B 187 -28.70 5.33 27.55
C SER B 187 -29.43 4.10 28.05
N SER B 188 -29.87 3.25 27.12
CA SER B 188 -30.60 2.02 27.37
C SER B 188 -30.04 1.20 28.50
N SER B 189 -28.72 1.17 28.37
CA SER B 189 -27.87 0.44 29.25
C SER B 189 -27.63 0.96 30.66
N LEU B 190 -28.24 2.01 31.22
CA LEU B 190 -27.94 2.38 32.60
C LEU B 190 -28.64 1.39 33.53
N GLY B 191 -27.93 0.29 33.74
CA GLY B 191 -28.41 -0.84 34.51
C GLY B 191 -27.91 -2.18 33.92
N THR B 192 -27.71 -2.22 32.60
CA THR B 192 -27.23 -3.37 31.81
C THR B 192 -25.83 -3.92 32.19
N LYS B 193 -24.99 -3.00 32.71
CA LYS B 193 -23.61 -3.25 33.06
C LYS B 193 -23.31 -2.43 34.32
N THR B 194 -22.28 -2.81 35.07
CA THR B 194 -21.80 -2.11 36.24
C THR B 194 -20.56 -1.38 35.78
N TYR B 195 -20.29 -0.09 35.95
CA TYR B 195 -19.04 0.44 35.41
C TYR B 195 -17.94 0.52 36.45
N THR B 196 -16.78 -0.10 36.28
CA THR B 196 -15.69 -0.04 37.27
C THR B 196 -14.48 0.57 36.58
N CYS B 197 -13.79 1.60 37.08
CA CYS B 197 -12.60 2.05 36.39
C CYS B 197 -11.49 1.61 37.29
N ASN B 198 -10.42 1.00 36.79
CA ASN B 198 -9.37 0.57 37.68
C ASN B 198 -8.20 1.49 37.39
N VAL B 199 -7.78 2.32 38.35
CA VAL B 199 -6.73 3.31 38.12
C VAL B 199 -5.43 2.75 38.65
N ASP B 200 -4.31 2.82 37.92
CA ASP B 200 -3.06 2.32 38.47
C ASP B 200 -2.01 3.38 38.41
N HIS B 201 -1.32 3.53 39.54
CA HIS B 201 -0.22 4.44 39.59
C HIS B 201 0.89 3.60 40.17
N LYS B 202 1.70 2.92 39.35
CA LYS B 202 2.75 2.09 39.92
C LYS B 202 3.82 2.83 40.67
N PRO B 203 4.31 4.05 40.39
CA PRO B 203 5.29 4.73 41.19
C PRO B 203 4.88 4.89 42.65
N SER B 204 3.62 4.69 43.03
CA SER B 204 3.26 4.81 44.44
C SER B 204 2.34 3.72 44.89
N ASN B 205 2.38 2.57 44.21
CA ASN B 205 1.51 1.43 44.46
C ASN B 205 0.08 1.77 44.93
N THR B 206 -0.60 2.61 44.18
CA THR B 206 -1.94 2.99 44.56
C THR B 206 -2.77 2.24 43.55
N LYS B 207 -3.75 1.42 43.92
CA LYS B 207 -4.55 0.73 42.93
C LYS B 207 -5.96 0.95 43.38
N VAL B 208 -6.81 1.58 42.56
CA VAL B 208 -8.17 1.86 42.97
C VAL B 208 -9.11 1.23 41.99
N ASP B 209 -10.30 0.82 42.40
CA ASP B 209 -11.26 0.36 41.45
C ASP B 209 -12.55 1.10 41.75
N LYS B 210 -12.87 2.25 41.14
CA LYS B 210 -14.10 3.00 41.42
C LYS B 210 -15.31 2.41 40.70
N ARG B 211 -16.57 2.64 41.09
CA ARG B 211 -17.72 2.21 40.31
C ARG B 211 -18.61 3.41 40.17
N VAL B 212 -19.26 3.49 39.02
CA VAL B 212 -20.03 4.65 38.57
C VAL B 212 -21.52 4.33 38.29
N ASP C 1 27.23 -6.03 -37.20
CA ASP C 1 25.90 -5.59 -36.80
C ASP C 1 25.40 -5.29 -38.20
N ILE C 2 24.25 -5.86 -38.53
CA ILE C 2 23.66 -5.84 -39.85
C ILE C 2 22.19 -5.71 -39.56
N GLN C 3 21.63 -4.57 -39.95
CA GLN C 3 20.28 -4.22 -39.58
C GLN C 3 19.24 -4.54 -40.62
N MET C 4 18.14 -5.17 -40.21
CA MET C 4 17.07 -5.54 -41.10
C MET C 4 16.13 -4.40 -40.96
N THR C 5 15.57 -3.94 -41.89
CA THR C 5 14.53 -2.91 -41.95
C THR C 5 13.24 -3.54 -42.50
N GLN C 6 12.16 -3.40 -41.75
CA GLN C 6 10.84 -3.95 -42.16
C GLN C 6 9.96 -2.83 -42.71
N SER C 7 9.18 -3.10 -43.74
CA SER C 7 8.24 -2.14 -44.22
C SER C 7 7.08 -2.94 -44.77
N PRO C 8 5.83 -2.60 -44.54
CA PRO C 8 5.42 -1.40 -43.84
C PRO C 8 5.41 -1.65 -42.35
N ALA C 9 5.08 -0.61 -41.59
CA ALA C 9 4.89 -0.81 -40.18
C ALA C 9 3.46 -1.28 -39.78
N SER C 10 2.38 -0.67 -40.30
CA SER C 10 1.01 -1.10 -40.02
C SER C 10 0.17 -1.28 -41.30
N LEU C 11 -0.76 -2.21 -41.19
CA LEU C 11 -1.51 -2.69 -42.32
C LEU C 11 -2.87 -3.04 -41.83
N SER C 12 -3.85 -2.34 -42.38
CA SER C 12 -5.22 -2.63 -42.06
C SER C 12 -5.72 -3.16 -43.38
N VAL C 13 -5.92 -4.46 -43.59
CA VAL C 13 -6.32 -4.94 -44.89
C VAL C 13 -7.36 -6.03 -44.73
N SER C 14 -8.34 -5.87 -45.61
CA SER C 14 -9.58 -6.63 -45.64
C SER C 14 -9.37 -8.12 -45.77
N VAL C 15 -10.29 -8.94 -45.32
CA VAL C 15 -10.13 -10.38 -45.47
C VAL C 15 -10.10 -10.69 -46.97
N GLY C 16 -9.61 -11.84 -47.40
CA GLY C 16 -9.56 -12.12 -48.82
C GLY C 16 -8.49 -11.32 -49.56
N GLU C 17 -8.03 -10.19 -49.08
CA GLU C 17 -7.00 -9.55 -49.89
C GLU C 17 -5.66 -10.25 -49.70
N THR C 18 -4.68 -9.72 -50.40
CA THR C 18 -3.30 -10.24 -50.40
C THR C 18 -2.34 -9.16 -49.92
N VAL C 19 -1.63 -9.57 -48.88
CA VAL C 19 -0.68 -8.74 -48.13
C VAL C 19 0.75 -9.00 -48.60
N THR C 20 1.63 -7.96 -48.52
CA THR C 20 3.04 -8.10 -48.82
C THR C 20 3.81 -7.25 -47.85
N ILE C 21 4.53 -7.98 -47.01
CA ILE C 21 5.34 -7.35 -46.00
C ILE C 21 6.78 -7.55 -46.39
N THR C 22 7.58 -6.52 -46.56
CA THR C 22 8.98 -6.63 -46.99
C THR C 22 9.91 -6.27 -45.86
N CYS C 23 11.06 -6.86 -45.94
CA CYS C 23 12.07 -6.68 -44.95
C CYS C 23 13.46 -6.64 -45.59
N ARG C 24 14.24 -5.49 -45.60
CA ARG C 24 15.48 -5.33 -46.35
C ARG C 24 16.70 -5.42 -45.45
N ALA C 25 17.68 -6.25 -45.72
CA ALA C 25 18.81 -6.39 -44.84
C ALA C 25 19.79 -5.26 -45.12
N SER C 26 20.56 -4.69 -44.18
CA SER C 26 21.47 -3.58 -44.45
C SER C 26 22.63 -3.90 -45.38
N GLU C 27 22.84 -5.19 -45.49
CA GLU C 27 23.84 -5.77 -46.37
C GLU C 27 23.41 -7.21 -46.56
N ASN C 28 24.07 -8.15 -47.00
CA ASN C 28 23.52 -9.33 -47.70
C ASN C 28 23.36 -10.49 -46.72
N ILE C 29 22.51 -10.91 -45.65
CA ILE C 29 22.04 -12.24 -45.22
C ILE C 29 21.77 -13.10 -46.47
N TYR C 30 22.35 -14.30 -46.50
CA TYR C 30 22.21 -15.17 -47.70
C TYR C 30 21.04 -16.14 -47.59
N SER C 31 19.90 -15.50 -47.54
CA SER C 31 18.61 -16.13 -47.47
C SER C 31 18.52 -16.98 -46.19
N ASN C 32 19.09 -16.39 -45.15
CA ASN C 32 18.96 -16.89 -43.77
C ASN C 32 18.17 -15.81 -43.07
N LEU C 33 16.90 -16.01 -43.15
CA LEU C 33 15.91 -15.04 -42.71
C LEU C 33 14.71 -15.78 -42.12
N ALA C 34 14.11 -15.44 -41.04
CA ALA C 34 12.98 -16.23 -40.62
C ALA C 34 11.91 -15.20 -40.50
N TRP C 35 10.67 -15.62 -40.63
CA TRP C 35 9.58 -14.71 -40.45
C TRP C 35 8.81 -15.25 -39.29
N TYR C 36 8.22 -14.41 -38.48
CA TYR C 36 7.50 -14.83 -37.31
C TYR C 36 6.24 -14.02 -37.25
N GLN C 37 5.36 -14.63 -36.78
CA GLN C 37 4.08 -14.03 -36.37
C GLN C 37 3.91 -14.19 -34.87
N GLN C 38 3.67 -13.08 -34.23
CA GLN C 38 3.46 -13.05 -32.78
C GLN C 38 2.12 -12.43 -32.52
N LYS C 39 1.36 -13.08 -31.64
CA LYS C 39 0.01 -12.60 -31.42
C LYS C 39 -0.14 -11.67 -30.18
N GLN C 40 -0.29 -12.00 -28.87
CA GLN C 40 -0.57 -10.78 -27.95
C GLN C 40 -0.09 -10.88 -26.51
N GLY C 41 0.67 -11.84 -26.31
CA GLY C 41 1.32 -12.06 -25.07
C GLY C 41 1.90 -13.41 -25.21
N LYS C 42 2.40 -13.66 -26.40
CA LYS C 42 2.94 -14.99 -26.68
C LYS C 42 4.10 -14.96 -27.66
N SER C 43 4.56 -16.21 -27.37
CA SER C 43 5.73 -16.72 -28.03
C SER C 43 5.58 -16.45 -29.51
N PRO C 44 6.54 -15.94 -30.25
CA PRO C 44 6.52 -15.94 -31.69
C PRO C 44 6.37 -17.33 -32.31
N GLN C 45 5.74 -17.47 -33.48
CA GLN C 45 5.68 -18.77 -34.16
C GLN C 45 6.41 -18.61 -35.48
N LEU C 46 6.99 -19.73 -35.90
CA LEU C 46 7.78 -19.78 -37.11
C LEU C 46 6.91 -19.91 -38.34
N LEU C 47 6.97 -18.94 -39.22
CA LEU C 47 6.25 -19.04 -40.46
C LEU C 47 7.16 -19.67 -41.52
N VAL C 48 8.28 -18.92 -41.70
CA VAL C 48 9.15 -19.45 -42.77
C VAL C 48 10.61 -19.30 -42.39
N TYR C 49 11.31 -20.40 -42.48
CA TYR C 49 12.75 -20.46 -42.20
C TYR C 49 13.48 -20.48 -43.54
N ALA C 50 14.74 -20.12 -43.50
CA ALA C 50 15.62 -20.14 -44.70
C ALA C 50 15.06 -19.33 -45.91
N ALA C 51 14.51 -18.16 -45.61
CA ALA C 51 14.04 -17.16 -46.60
C ALA C 51 13.06 -17.66 -47.70
N THR C 52 12.29 -18.70 -47.44
CA THR C 52 11.26 -19.16 -48.43
C THR C 52 10.68 -20.53 -48.07
N ASN C 53 11.30 -21.18 -47.10
CA ASN C 53 10.84 -22.50 -46.65
C ASN C 53 9.73 -22.33 -45.61
N LEU C 54 8.64 -23.05 -45.85
CA LEU C 54 7.46 -23.02 -44.98
C LEU C 54 7.68 -23.91 -43.76
N ALA C 55 7.29 -23.34 -42.59
CA ALA C 55 7.47 -24.07 -41.37
C ALA C 55 6.29 -25.00 -41.28
N ASP C 56 6.56 -26.09 -40.61
CA ASP C 56 5.62 -27.17 -40.47
C ASP C 56 4.11 -26.95 -40.37
N GLY C 57 3.49 -26.07 -39.59
CA GLY C 57 2.02 -26.09 -39.58
C GLY C 57 1.44 -24.96 -40.39
N VAL C 58 2.26 -24.21 -41.10
CA VAL C 58 1.79 -22.97 -41.65
C VAL C 58 0.95 -23.27 -42.86
N PRO C 59 -0.11 -22.56 -43.06
CA PRO C 59 -0.86 -22.59 -44.27
C PRO C 59 -0.16 -21.97 -45.43
N SER C 60 -0.47 -22.76 -46.45
CA SER C 60 -0.26 -22.60 -47.88
C SER C 60 -0.52 -21.21 -48.41
N ARG C 61 -1.26 -20.42 -47.67
CA ARG C 61 -1.54 -19.08 -48.04
C ARG C 61 -0.42 -18.09 -47.76
N PHE C 62 0.63 -18.63 -47.15
CA PHE C 62 1.84 -17.90 -46.82
C PHE C 62 3.00 -18.25 -47.73
N SER C 63 3.76 -17.34 -48.31
CA SER C 63 4.95 -17.74 -49.05
C SER C 63 6.11 -16.83 -48.71
N GLY C 64 7.33 -17.41 -48.68
CA GLY C 64 8.54 -16.63 -48.45
C GLY C 64 9.18 -16.23 -49.78
N SER C 65 9.52 -15.00 -50.03
CA SER C 65 10.10 -14.61 -51.29
C SER C 65 11.36 -13.89 -50.88
N GLY C 66 12.26 -13.75 -51.83
CA GLY C 66 13.39 -12.86 -51.60
C GLY C 66 14.75 -13.51 -51.80
N SER C 67 15.72 -12.67 -51.86
CA SER C 67 17.16 -12.92 -52.05
C SER C 67 17.97 -11.66 -51.79
N GLY C 68 19.26 -11.86 -51.68
CA GLY C 68 20.23 -10.76 -51.52
C GLY C 68 20.00 -9.91 -50.28
N THR C 69 18.96 -9.07 -50.34
CA THR C 69 18.66 -8.16 -49.21
C THR C 69 17.17 -7.80 -49.11
N GLN C 70 16.43 -8.11 -50.14
CA GLN C 70 14.99 -7.82 -50.14
C GLN C 70 14.19 -9.12 -50.04
N TYR C 71 13.65 -9.31 -48.85
CA TYR C 71 12.91 -10.53 -48.62
C TYR C 71 11.45 -10.13 -48.44
N SER C 72 10.50 -11.06 -48.51
CA SER C 72 9.09 -10.70 -48.50
C SER C 72 8.20 -11.77 -47.92
N LEU C 73 7.18 -11.43 -47.14
CA LEU C 73 6.22 -12.40 -46.66
C LEU C 73 5.03 -12.04 -47.51
N LYS C 74 4.37 -13.03 -48.09
CA LYS C 74 3.12 -12.77 -48.77
C LYS C 74 2.04 -13.70 -48.26
N ILE C 75 0.96 -13.08 -47.84
CA ILE C 75 -0.20 -13.81 -47.31
C ILE C 75 -1.15 -13.57 -48.46
N ASN C 76 -1.81 -14.59 -49.04
CA ASN C 76 -2.67 -14.29 -50.18
C ASN C 76 -4.18 -14.38 -49.96
N SER C 77 -4.84 -15.34 -49.32
CA SER C 77 -6.25 -15.16 -49.01
C SER C 77 -6.23 -14.86 -47.53
N LEU C 78 -6.00 -13.56 -47.25
CA LEU C 78 -5.87 -13.10 -45.88
C LEU C 78 -7.06 -13.56 -45.07
N GLN C 79 -6.92 -14.11 -43.86
CA GLN C 79 -8.09 -14.48 -43.11
C GLN C 79 -8.20 -13.77 -41.78
N SER C 80 -9.28 -13.99 -41.05
CA SER C 80 -9.53 -13.30 -39.82
C SER C 80 -8.40 -13.58 -38.86
N GLU C 81 -7.85 -14.78 -38.74
CA GLU C 81 -6.73 -14.93 -37.83
C GLU C 81 -5.37 -14.74 -38.47
N ASP C 82 -5.19 -13.63 -39.11
CA ASP C 82 -3.89 -13.34 -39.65
C ASP C 82 -3.49 -11.97 -39.18
N PHE C 83 -4.14 -11.59 -38.12
CA PHE C 83 -3.77 -10.32 -37.57
C PHE C 83 -2.55 -10.58 -36.68
N GLY C 84 -1.97 -9.55 -36.11
CA GLY C 84 -0.82 -9.79 -35.27
C GLY C 84 0.42 -9.13 -35.84
N SER C 85 1.56 -9.39 -35.19
CA SER C 85 2.76 -8.77 -35.63
C SER C 85 3.56 -9.86 -36.24
N TYR C 86 4.22 -9.40 -37.29
CA TYR C 86 5.08 -10.24 -38.05
C TYR C 86 6.46 -9.66 -37.90
N TYR C 87 7.47 -10.49 -37.70
CA TYR C 87 8.81 -10.02 -37.54
C TYR C 87 9.67 -10.87 -38.40
N CYS C 88 10.71 -10.29 -38.99
CA CYS C 88 11.71 -11.08 -39.69
C CYS C 88 13.04 -11.04 -38.94
N GLN C 89 13.82 -12.13 -38.95
CA GLN C 89 15.06 -12.18 -38.18
C GLN C 89 16.09 -12.77 -39.08
N HIS C 90 17.34 -12.26 -39.06
CA HIS C 90 18.37 -12.74 -39.97
C HIS C 90 19.42 -13.59 -39.25
N PHE C 91 19.79 -14.73 -39.78
CA PHE C 91 20.64 -15.61 -39.03
C PHE C 91 21.96 -15.85 -39.65
N TRP C 92 22.45 -14.80 -40.22
CA TRP C 92 23.74 -14.99 -40.77
C TRP C 92 24.51 -13.83 -40.25
N GLY C 93 25.51 -14.23 -39.49
CA GLY C 93 26.42 -13.26 -38.95
C GLY C 93 25.82 -12.72 -37.68
N THR C 94 26.48 -13.06 -36.60
CA THR C 94 26.03 -12.56 -35.33
C THR C 94 26.32 -11.05 -35.33
N PRO C 95 25.59 -10.19 -34.62
CA PRO C 95 24.34 -10.45 -33.94
C PRO C 95 23.15 -10.68 -34.87
N TYR C 96 22.33 -11.65 -34.49
CA TYR C 96 21.20 -12.05 -35.28
C TYR C 96 20.01 -11.12 -35.15
N THR C 97 20.05 -9.93 -35.71
CA THR C 97 19.00 -8.91 -35.67
C THR C 97 17.54 -9.20 -36.01
N PHE C 98 16.62 -8.45 -35.39
CA PHE C 98 15.18 -8.53 -35.64
C PHE C 98 14.70 -7.31 -36.43
N GLY C 99 13.72 -7.42 -37.31
CA GLY C 99 13.21 -6.26 -37.95
C GLY C 99 12.27 -5.62 -36.95
N GLY C 100 11.96 -4.39 -37.34
CA GLY C 100 11.05 -3.50 -36.63
C GLY C 100 9.62 -4.00 -36.41
N GLY C 101 9.13 -5.10 -36.99
CA GLY C 101 7.74 -5.50 -36.83
C GLY C 101 6.72 -4.78 -37.72
N THR C 102 5.65 -5.51 -37.99
CA THR C 102 4.51 -5.10 -38.80
C THR C 102 3.33 -5.59 -38.03
N ARG C 103 2.38 -4.70 -37.77
CA ARG C 103 1.16 -5.05 -37.06
C ARG C 103 0.08 -5.13 -38.11
N LEU C 104 -0.70 -6.20 -38.23
CA LEU C 104 -1.70 -6.36 -39.27
C LEU C 104 -3.04 -6.42 -38.57
N GLU C 105 -3.98 -5.53 -38.88
CA GLU C 105 -5.35 -5.56 -38.33
C GLU C 105 -6.17 -5.98 -39.54
N ILE C 106 -6.95 -7.07 -39.49
CA ILE C 106 -7.70 -7.45 -40.66
C ILE C 106 -9.00 -6.67 -40.65
N LYS C 107 -9.19 -5.79 -41.65
CA LYS C 107 -10.35 -4.88 -41.84
C LYS C 107 -11.74 -5.48 -42.06
N ARG C 108 -12.68 -4.80 -41.43
CA ARG C 108 -14.02 -5.28 -41.31
C ARG C 108 -14.89 -4.11 -41.70
N ALA C 109 -16.15 -4.37 -41.97
CA ALA C 109 -17.03 -3.23 -42.18
C ALA C 109 -17.53 -2.98 -40.78
N ASP C 110 -17.94 -1.73 -40.55
CA ASP C 110 -18.44 -1.25 -39.27
C ASP C 110 -19.39 -2.15 -38.47
N ALA C 111 -19.24 -2.02 -37.15
CA ALA C 111 -20.09 -2.68 -36.17
C ALA C 111 -20.18 -1.76 -34.95
N ALA C 112 -21.38 -1.74 -34.40
CA ALA C 112 -21.65 -0.79 -33.35
C ALA C 112 -21.54 -1.46 -31.99
N PRO C 113 -20.96 -0.70 -31.06
CA PRO C 113 -20.79 -1.16 -29.70
C PRO C 113 -22.13 -1.40 -29.08
N THR C 114 -22.04 -2.35 -28.22
CA THR C 114 -23.19 -2.76 -27.48
C THR C 114 -22.74 -2.38 -26.09
N VAL C 115 -23.33 -1.38 -25.44
CA VAL C 115 -22.74 -0.82 -24.26
C VAL C 115 -23.39 -1.19 -22.94
N PHE C 116 -22.60 -1.53 -21.94
CA PHE C 116 -23.10 -1.96 -20.65
C PHE C 116 -22.48 -1.04 -19.60
N ILE C 117 -23.13 -0.86 -18.47
CA ILE C 117 -22.55 -0.02 -17.44
C ILE C 117 -22.65 -0.87 -16.17
N PHE C 118 -21.63 -0.85 -15.33
CA PHE C 118 -21.63 -1.65 -14.13
C PHE C 118 -21.48 -0.76 -12.89
N PRO C 119 -22.32 -0.83 -11.85
CA PRO C 119 -22.22 -0.02 -10.65
C PRO C 119 -21.14 -0.53 -9.72
N PRO C 120 -20.60 0.29 -8.85
CA PRO C 120 -19.61 -0.17 -7.93
C PRO C 120 -20.27 -1.15 -7.01
N SER C 121 -19.57 -2.26 -7.02
CA SER C 121 -19.92 -3.38 -6.21
C SER C 121 -19.75 -2.92 -4.79
N ASP C 122 -20.63 -3.33 -3.89
CA ASP C 122 -20.53 -2.90 -2.50
C ASP C 122 -19.25 -3.29 -1.83
N GLU C 123 -18.72 -4.50 -2.03
CA GLU C 123 -17.46 -4.95 -1.42
C GLU C 123 -16.42 -3.87 -1.68
N GLN C 124 -16.44 -3.33 -2.89
CA GLN C 124 -15.52 -2.27 -3.23
C GLN C 124 -15.87 -0.99 -2.51
N LEU C 125 -17.14 -0.56 -2.43
CA LEU C 125 -17.54 0.70 -1.78
C LEU C 125 -17.05 0.76 -0.36
N LYS C 126 -17.16 -0.41 0.26
CA LYS C 126 -16.74 -0.58 1.62
C LYS C 126 -15.21 -0.64 1.77
N SER C 127 -14.41 -0.30 0.75
CA SER C 127 -12.96 -0.21 0.88
C SER C 127 -12.52 1.22 0.57
N GLY C 128 -13.45 2.17 0.38
CA GLY C 128 -13.09 3.58 0.25
C GLY C 128 -12.98 4.13 -1.16
N THR C 129 -13.01 3.27 -2.17
CA THR C 129 -12.92 3.68 -3.55
C THR C 129 -14.05 2.97 -4.25
N ALA C 130 -14.53 3.62 -5.28
CA ALA C 130 -15.69 3.18 -6.01
C ALA C 130 -15.40 3.32 -7.48
N SER C 131 -15.38 2.21 -8.25
CA SER C 131 -15.13 2.23 -9.68
C SER C 131 -16.41 1.95 -10.47
N VAL C 132 -16.72 2.83 -11.40
CA VAL C 132 -17.89 2.66 -12.24
C VAL C 132 -17.30 2.12 -13.55
N VAL C 133 -17.62 0.99 -14.16
CA VAL C 133 -17.00 0.53 -15.41
C VAL C 133 -17.97 0.57 -16.57
N CYS C 134 -17.54 0.99 -17.74
CA CYS C 134 -18.44 1.04 -18.86
C CYS C 134 -17.81 0.15 -19.90
N LEU C 135 -18.62 -0.57 -20.62
CA LEU C 135 -18.13 -1.57 -21.52
C LEU C 135 -18.68 -1.36 -22.88
N LEU C 136 -18.08 -1.10 -23.87
CA LEU C 136 -18.37 -1.20 -25.31
C LEU C 136 -17.92 -2.56 -25.84
N ASN C 137 -18.88 -3.43 -26.07
CA ASN C 137 -18.55 -4.79 -26.52
C ASN C 137 -18.84 -5.03 -28.01
N ASN C 138 -17.83 -5.65 -28.63
CA ASN C 138 -17.81 -6.11 -30.03
C ASN C 138 -18.21 -5.03 -31.05
N PHE C 139 -17.27 -4.14 -31.27
CA PHE C 139 -17.42 -3.05 -32.24
C PHE C 139 -16.21 -3.01 -33.17
N TYR C 140 -16.27 -2.11 -34.13
CA TYR C 140 -15.20 -1.90 -35.10
C TYR C 140 -15.46 -0.62 -35.86
N PRO C 141 -14.54 0.19 -36.19
CA PRO C 141 -13.13 0.21 -35.79
C PRO C 141 -12.92 0.35 -34.31
N ARG C 142 -11.65 0.39 -33.91
CA ARG C 142 -11.28 0.49 -32.53
C ARG C 142 -11.57 1.82 -31.90
N GLU C 143 -11.73 2.83 -32.72
CA GLU C 143 -11.89 4.16 -32.21
C GLU C 143 -13.33 4.38 -31.82
N ALA C 144 -13.58 4.33 -30.52
CA ALA C 144 -14.86 4.65 -29.94
C ALA C 144 -14.59 5.80 -28.96
N LYS C 145 -15.48 6.72 -28.56
CA LYS C 145 -15.15 7.62 -27.46
C LYS C 145 -16.19 7.52 -26.33
N VAL C 146 -15.74 7.43 -25.08
CA VAL C 146 -16.59 7.29 -23.93
C VAL C 146 -16.51 8.53 -23.08
N GLN C 147 -17.66 9.09 -22.79
CA GLN C 147 -17.76 10.23 -21.93
C GLN C 147 -18.55 9.90 -20.69
N TRP C 148 -18.01 10.17 -19.51
CA TRP C 148 -18.74 9.91 -18.30
C TRP C 148 -19.55 11.09 -17.86
N LYS C 149 -20.65 11.18 -17.63
CA LYS C 149 -21.34 12.22 -16.85
C LYS C 149 -21.71 11.66 -15.48
N VAL C 150 -21.15 12.25 -14.45
CA VAL C 150 -21.33 11.74 -13.08
C VAL C 150 -22.64 12.22 -12.43
N ASP C 151 -23.09 13.35 -12.85
CA ASP C 151 -24.43 13.86 -12.55
C ASP C 151 -24.78 14.39 -13.91
N ASN C 152 -24.21 15.53 -14.22
CA ASN C 152 -24.27 16.06 -15.58
C ASN C 152 -23.07 16.96 -15.83
N ALA C 153 -22.13 16.41 -14.80
CA ALA C 153 -20.82 17.00 -14.87
C ALA C 153 -20.00 16.08 -15.74
N LEU C 154 -19.56 16.64 -16.84
CA LEU C 154 -18.74 15.90 -17.76
C LEU C 154 -17.40 15.55 -17.10
N GLN C 155 -17.19 14.35 -16.55
CA GLN C 155 -15.91 14.02 -15.93
C GLN C 155 -14.73 14.04 -16.93
N SER C 156 -13.82 15.03 -16.99
CA SER C 156 -12.70 14.93 -17.91
C SER C 156 -11.51 14.67 -17.05
N GLY C 157 -10.83 13.53 -17.18
CA GLY C 157 -9.61 13.28 -16.43
C GLY C 157 -9.53 12.04 -15.51
N ASN C 158 -10.64 11.46 -15.03
CA ASN C 158 -10.63 10.37 -14.08
C ASN C 158 -11.06 9.01 -14.60
N SER C 159 -10.74 8.71 -15.86
CA SER C 159 -11.07 7.42 -16.46
C SER C 159 -9.91 6.88 -17.31
N GLN C 160 -9.78 5.55 -17.37
CA GLN C 160 -8.77 4.88 -18.19
C GLN C 160 -9.43 3.80 -19.04
N GLU C 161 -9.06 3.71 -20.31
CA GLU C 161 -9.65 2.71 -21.17
C GLU C 161 -8.71 1.55 -21.39
N SER C 162 -9.16 0.38 -21.77
CA SER C 162 -8.24 -0.64 -22.28
C SER C 162 -9.08 -1.41 -23.29
N VAL C 163 -8.41 -1.87 -24.36
CA VAL C 163 -8.96 -2.53 -25.55
C VAL C 163 -8.44 -3.94 -25.85
N THR C 164 -9.26 -4.91 -26.22
CA THR C 164 -8.82 -6.23 -26.56
C THR C 164 -8.03 -6.39 -27.87
N GLU C 165 -7.45 -7.58 -28.14
CA GLU C 165 -6.92 -7.83 -29.47
C GLU C 165 -8.18 -8.02 -30.33
N GLN C 166 -8.05 -7.83 -31.65
CA GLN C 166 -9.20 -8.06 -32.52
C GLN C 166 -9.58 -9.52 -32.39
N ASP C 167 -10.86 -9.89 -32.51
CA ASP C 167 -11.22 -11.29 -32.36
C ASP C 167 -10.94 -12.16 -33.57
N SER C 168 -10.38 -13.35 -33.31
CA SER C 168 -10.00 -14.30 -34.35
C SER C 168 -11.08 -14.62 -35.35
N LYS C 169 -12.29 -14.08 -34.72
CA LYS C 169 -13.22 -14.69 -35.67
C LYS C 169 -14.01 -13.61 -36.41
N ASP C 170 -14.69 -12.79 -35.62
CA ASP C 170 -15.54 -11.72 -36.16
C ASP C 170 -14.76 -10.44 -36.41
N SER C 171 -13.52 -10.41 -35.95
CA SER C 171 -12.61 -9.26 -36.16
C SER C 171 -13.19 -7.96 -35.57
N THR C 172 -13.57 -8.06 -34.31
CA THR C 172 -14.13 -6.90 -33.57
C THR C 172 -13.42 -6.75 -32.23
N TYR C 173 -13.48 -5.55 -31.83
CA TYR C 173 -12.82 -5.13 -30.59
C TYR C 173 -13.81 -5.15 -29.44
N SER C 174 -13.45 -4.73 -28.21
CA SER C 174 -14.29 -4.50 -27.04
C SER C 174 -13.46 -3.51 -26.20
N LEU C 175 -13.97 -2.74 -25.24
CA LEU C 175 -13.21 -1.71 -24.57
C LEU C 175 -13.79 -1.50 -23.19
N SER C 176 -12.99 -1.35 -22.14
CA SER C 176 -13.55 -1.03 -20.86
C SER C 176 -13.00 0.35 -20.57
N SER C 177 -13.73 1.06 -19.74
CA SER C 177 -13.40 2.38 -19.29
C SER C 177 -13.80 2.31 -17.83
N THR C 178 -12.82 2.34 -16.96
CA THR C 178 -13.08 2.30 -15.53
C THR C 178 -13.13 3.76 -15.03
N LEU C 179 -14.07 4.31 -14.25
CA LEU C 179 -14.09 5.69 -13.69
C LEU C 179 -13.83 5.49 -12.22
N THR C 180 -12.93 6.26 -11.62
CA THR C 180 -12.60 5.95 -10.23
C THR C 180 -12.89 7.14 -9.33
N LEU C 181 -13.66 6.90 -8.26
CA LEU C 181 -14.09 7.93 -7.33
C LEU C 181 -13.96 7.38 -5.93
N SER C 182 -13.71 8.32 -5.04
CA SER C 182 -13.62 8.09 -3.61
C SER C 182 -14.97 7.62 -3.16
N LYS C 183 -15.14 6.90 -2.05
CA LYS C 183 -16.49 6.53 -1.64
C LYS C 183 -17.36 7.79 -1.55
N ALA C 184 -16.69 8.85 -1.06
CA ALA C 184 -17.30 10.16 -0.92
C ALA C 184 -17.92 10.65 -2.20
N ASP C 185 -17.10 11.04 -3.17
CA ASP C 185 -17.62 11.54 -4.42
C ASP C 185 -18.65 10.58 -5.05
N TYR C 186 -18.57 9.22 -5.00
CA TYR C 186 -19.64 8.41 -5.60
C TYR C 186 -20.88 8.47 -4.76
N GLU C 187 -20.69 8.63 -3.34
CA GLU C 187 -22.00 8.61 -2.68
C GLU C 187 -22.66 10.00 -2.78
N LYS C 188 -21.89 11.04 -3.18
CA LYS C 188 -22.54 12.39 -3.31
C LYS C 188 -23.08 12.66 -4.73
N HIS C 189 -23.43 11.63 -5.47
CA HIS C 189 -24.06 11.83 -6.80
C HIS C 189 -25.01 10.68 -7.11
N LYS C 190 -26.09 10.91 -7.92
CA LYS C 190 -27.00 9.80 -8.26
C LYS C 190 -26.80 9.28 -9.67
N VAL C 191 -26.86 10.07 -10.75
CA VAL C 191 -26.72 9.54 -12.10
C VAL C 191 -25.30 9.26 -12.54
N TYR C 192 -24.99 8.04 -12.97
CA TYR C 192 -23.68 7.78 -13.51
C TYR C 192 -23.89 7.49 -14.96
N ALA C 193 -23.18 8.13 -15.89
CA ALA C 193 -23.48 7.92 -17.28
C ALA C 193 -22.30 7.71 -18.12
N CYS C 194 -22.47 6.67 -18.89
CA CYS C 194 -21.49 6.21 -19.80
C CYS C 194 -22.05 6.74 -21.11
N GLU C 195 -21.52 7.64 -21.92
CA GLU C 195 -22.13 8.02 -23.18
C GLU C 195 -21.15 7.68 -24.27
N VAL C 196 -21.45 6.76 -25.21
CA VAL C 196 -20.52 6.26 -26.24
C VAL C 196 -20.78 6.85 -27.61
N THR C 197 -19.80 7.34 -28.34
CA THR C 197 -19.96 7.79 -29.71
C THR C 197 -19.24 6.75 -30.55
N HIS C 198 -19.57 6.48 -31.79
CA HIS C 198 -18.79 5.57 -32.62
C HIS C 198 -19.44 5.70 -33.96
N GLN C 199 -18.65 5.82 -35.02
CA GLN C 199 -19.22 5.79 -36.36
C GLN C 199 -19.75 4.37 -36.41
N GLY C 200 -20.97 4.19 -36.83
CA GLY C 200 -21.52 2.85 -36.75
C GLY C 200 -22.74 2.95 -35.90
N LEU C 201 -22.73 3.91 -34.98
CA LEU C 201 -23.91 4.21 -34.23
C LEU C 201 -24.43 5.41 -34.97
N SER C 202 -25.73 5.37 -35.22
CA SER C 202 -26.43 6.47 -35.88
C SER C 202 -26.45 7.73 -35.01
N SER C 203 -26.71 7.53 -33.71
CA SER C 203 -26.85 8.62 -32.75
C SER C 203 -26.36 8.10 -31.40
N PRO C 204 -25.48 8.80 -30.68
CA PRO C 204 -24.84 8.32 -29.48
C PRO C 204 -25.79 7.80 -28.43
N VAL C 205 -25.42 6.61 -28.02
CA VAL C 205 -26.14 5.84 -27.05
C VAL C 205 -25.57 6.20 -25.69
N THR C 206 -26.33 6.21 -24.60
CA THR C 206 -25.83 6.58 -23.28
C THR C 206 -26.44 5.59 -22.31
N LYS C 207 -25.68 4.99 -21.42
CA LYS C 207 -26.18 4.03 -20.46
C LYS C 207 -26.05 4.68 -19.10
N SER C 208 -26.93 4.42 -18.13
CA SER C 208 -26.83 5.09 -16.84
C SER C 208 -27.49 4.32 -15.72
N PHE C 209 -27.12 4.65 -14.45
CA PHE C 209 -27.74 4.08 -13.25
C PHE C 209 -27.76 5.14 -12.17
N ASN C 210 -28.42 4.91 -11.02
CA ASN C 210 -28.58 5.89 -9.95
C ASN C 210 -28.08 5.46 -8.60
N ARG C 211 -27.35 6.21 -7.72
CA ARG C 211 -27.08 6.02 -6.25
C ARG C 211 -25.72 6.40 -5.57
N VAL D 2 9.42 -31.20 -28.47
CA VAL D 2 10.07 -30.02 -27.91
C VAL D 2 9.21 -29.06 -27.09
N GLN D 3 9.56 -28.95 -25.82
CA GLN D 3 8.86 -28.11 -24.88
C GLN D 3 9.95 -27.37 -24.15
N LEU D 4 9.82 -26.08 -23.93
CA LEU D 4 10.79 -25.33 -23.17
C LEU D 4 9.99 -24.63 -22.10
N GLN D 5 10.22 -24.98 -20.84
CA GLN D 5 9.48 -24.40 -19.72
C GLN D 5 10.31 -23.30 -19.09
N GLN D 6 9.80 -22.07 -19.08
CA GLN D 6 10.56 -20.99 -18.48
C GLN D 6 10.16 -20.76 -17.03
N SER D 7 10.94 -19.94 -16.32
CA SER D 7 10.60 -19.56 -14.96
C SER D 7 9.34 -18.73 -15.01
N ASP D 8 8.62 -18.63 -13.89
CA ASP D 8 7.50 -17.73 -13.80
C ASP D 8 8.02 -16.32 -13.56
N ALA D 9 7.11 -15.36 -13.60
CA ALA D 9 7.55 -13.99 -13.51
C ALA D 9 8.26 -13.70 -12.19
N GLU D 10 9.12 -12.70 -12.22
CA GLU D 10 9.92 -12.34 -11.07
C GLU D 10 9.80 -10.83 -10.94
N LEU D 11 9.59 -10.33 -9.71
CA LEU D 11 9.72 -8.88 -9.43
C LEU D 11 11.14 -8.69 -8.83
N VAL D 12 12.08 -7.84 -9.29
CA VAL D 12 13.39 -7.79 -8.67
C VAL D 12 13.73 -6.33 -8.48
N LYS D 13 14.48 -6.19 -7.40
CA LYS D 13 14.85 -4.89 -6.93
C LYS D 13 15.93 -4.24 -7.77
N PRO D 14 15.88 -2.94 -8.07
CA PRO D 14 16.89 -2.20 -8.82
C PRO D 14 18.29 -2.49 -8.33
N GLY D 15 19.25 -2.29 -9.21
CA GLY D 15 20.60 -2.68 -8.88
C GLY D 15 20.71 -4.15 -8.47
N ALA D 16 19.71 -5.04 -8.50
CA ALA D 16 19.96 -6.43 -8.11
C ALA D 16 20.16 -7.34 -9.31
N SER D 17 19.98 -8.65 -9.19
CA SER D 17 20.13 -9.50 -10.33
C SER D 17 19.15 -10.64 -10.27
N VAL D 18 18.53 -10.88 -11.39
CA VAL D 18 17.58 -11.96 -11.44
C VAL D 18 18.20 -13.15 -12.15
N LYS D 19 17.73 -14.42 -12.06
CA LYS D 19 18.26 -15.57 -12.82
C LYS D 19 17.18 -16.43 -13.48
N ILE D 20 16.93 -16.33 -14.79
CA ILE D 20 15.87 -17.02 -15.49
C ILE D 20 16.31 -18.36 -16.02
N SER D 21 15.48 -19.37 -15.78
CA SER D 21 15.75 -20.71 -16.24
C SER D 21 15.06 -20.90 -17.59
N CYS D 22 15.49 -21.89 -18.35
CA CYS D 22 14.81 -22.31 -19.55
C CYS D 22 14.99 -23.81 -19.43
N LYS D 23 13.99 -24.54 -18.96
CA LYS D 23 14.11 -25.96 -18.82
C LYS D 23 13.62 -26.68 -20.06
N ALA D 24 14.59 -27.07 -20.88
CA ALA D 24 14.40 -27.77 -22.14
C ALA D 24 13.91 -29.20 -22.03
N SER D 25 12.82 -29.54 -22.69
CA SER D 25 12.28 -30.87 -22.61
C SER D 25 12.03 -31.48 -23.97
N GLY D 26 12.20 -32.79 -24.00
CA GLY D 26 11.81 -33.59 -25.16
C GLY D 26 12.68 -33.51 -26.40
N TYR D 27 13.98 -33.40 -26.17
CA TYR D 27 15.00 -33.42 -27.20
C TYR D 27 16.29 -33.48 -26.37
N THR D 28 17.41 -33.82 -26.99
CA THR D 28 18.71 -33.95 -26.32
C THR D 28 19.41 -32.58 -26.14
N PHE D 29 19.54 -31.85 -25.23
CA PHE D 29 19.92 -30.49 -24.80
C PHE D 29 21.26 -30.06 -25.41
N THR D 30 22.17 -30.96 -25.23
CA THR D 30 23.61 -30.87 -25.48
C THR D 30 24.06 -30.55 -26.95
N ASP D 31 23.17 -30.59 -27.94
CA ASP D 31 23.59 -30.26 -29.33
C ASP D 31 22.77 -29.09 -29.89
N HIS D 32 22.10 -28.27 -29.11
CA HIS D 32 21.36 -27.15 -29.61
C HIS D 32 21.47 -25.94 -28.75
N ALA D 33 22.04 -24.95 -29.41
CA ALA D 33 22.09 -23.63 -28.84
C ALA D 33 20.75 -23.17 -28.31
N ILE D 34 20.74 -22.45 -27.23
CA ILE D 34 19.52 -21.91 -26.73
C ILE D 34 19.78 -20.45 -26.95
N HIS D 35 18.86 -19.76 -27.59
CA HIS D 35 19.07 -18.34 -27.79
C HIS D 35 18.11 -17.68 -26.84
N TRP D 36 18.42 -16.42 -26.55
CA TRP D 36 17.68 -15.60 -25.62
C TRP D 36 17.27 -14.35 -26.37
N ALA D 37 16.10 -13.81 -26.10
CA ALA D 37 15.66 -12.60 -26.75
C ALA D 37 14.90 -11.79 -25.72
N LYS D 38 14.79 -10.47 -25.86
CA LYS D 38 14.12 -9.63 -24.89
C LYS D 38 13.18 -8.83 -25.72
N GLN D 39 11.97 -8.91 -25.50
CA GLN D 39 10.95 -8.00 -26.02
C GLN D 39 10.34 -7.20 -24.88
N LYS D 40 10.41 -5.90 -25.01
CA LYS D 40 9.85 -4.96 -24.01
C LYS D 40 8.30 -4.96 -24.20
N PRO D 41 7.42 -4.13 -23.52
CA PRO D 41 5.94 -4.12 -23.70
C PRO D 41 5.41 -4.06 -25.13
N GLU D 42 5.47 -2.90 -25.77
CA GLU D 42 4.89 -2.77 -27.14
C GLU D 42 5.98 -2.36 -28.13
N GLN D 43 6.97 -3.32 -28.12
CA GLN D 43 8.09 -3.16 -29.01
C GLN D 43 8.68 -4.46 -29.58
N GLY D 44 9.80 -4.25 -30.30
CA GLY D 44 10.56 -5.25 -30.97
C GLY D 44 11.34 -6.05 -29.96
N LEU D 45 11.83 -7.09 -30.54
CA LEU D 45 12.61 -7.98 -29.76
C LEU D 45 14.03 -7.68 -30.19
N GLU D 46 14.99 -7.93 -29.34
CA GLU D 46 16.37 -7.90 -29.73
C GLU D 46 16.91 -9.18 -29.19
N TRP D 47 18.05 -9.55 -29.74
CA TRP D 47 18.63 -10.84 -29.43
C TRP D 47 19.63 -10.72 -28.27
N ILE D 48 19.55 -11.54 -27.22
CA ILE D 48 20.51 -11.44 -26.14
C ILE D 48 21.73 -12.23 -26.53
N GLY D 49 21.64 -13.50 -26.81
CA GLY D 49 22.82 -14.22 -27.15
C GLY D 49 22.41 -15.64 -27.18
N TYR D 50 23.35 -16.56 -27.20
CA TYR D 50 23.04 -17.98 -27.16
C TYR D 50 24.07 -18.71 -26.34
N ILE D 51 23.66 -19.82 -25.80
CA ILE D 51 24.54 -20.63 -25.03
C ILE D 51 24.21 -21.96 -25.70
N SER D 52 25.22 -22.51 -26.34
CA SER D 52 25.08 -23.83 -26.89
C SER D 52 25.47 -24.57 -25.64
N PRO D 53 24.63 -25.37 -25.00
CA PRO D 53 25.09 -26.37 -24.06
C PRO D 53 25.98 -27.31 -24.86
N GLY D 54 26.76 -28.18 -24.20
CA GLY D 54 27.61 -29.06 -24.99
C GLY D 54 28.94 -28.35 -25.23
N ASN D 55 29.49 -28.20 -26.72
CA ASN D 55 30.71 -27.38 -26.68
C ASN D 55 30.38 -25.98 -26.17
N ASP D 56 30.68 -25.65 -24.90
CA ASP D 56 30.25 -24.42 -24.27
C ASP D 56 30.65 -23.12 -24.97
N ASP D 57 30.00 -22.89 -26.12
CA ASP D 57 30.22 -21.75 -27.02
C ASP D 57 29.18 -20.75 -26.56
N ILE D 58 29.49 -19.49 -26.24
CA ILE D 58 28.42 -18.55 -25.93
C ILE D 58 28.76 -17.33 -26.74
N LYS D 59 27.80 -16.56 -27.23
CA LYS D 59 28.13 -15.34 -27.93
C LYS D 59 27.01 -14.43 -27.56
N TYR D 60 27.36 -13.18 -27.41
CA TYR D 60 26.43 -12.24 -26.90
C TYR D 60 26.28 -11.16 -27.91
N ASN D 61 25.08 -10.60 -27.92
CA ASN D 61 24.85 -9.39 -28.63
C ASN D 61 25.70 -8.46 -27.80
N GLU D 62 26.56 -7.72 -28.48
CA GLU D 62 27.41 -6.70 -27.89
C GLU D 62 26.63 -5.85 -26.86
N LYS D 63 25.44 -5.25 -27.10
CA LYS D 63 24.72 -4.44 -26.12
C LYS D 63 24.35 -5.19 -24.84
N PHE D 64 24.59 -6.48 -24.77
CA PHE D 64 24.27 -7.23 -23.59
C PHE D 64 25.45 -7.94 -22.92
N LYS D 65 26.72 -7.90 -23.42
CA LYS D 65 27.86 -8.52 -22.69
C LYS D 65 27.85 -7.65 -21.42
N GLY D 66 27.81 -8.22 -20.23
CA GLY D 66 27.76 -7.36 -19.04
C GLY D 66 26.41 -7.44 -18.35
N LYS D 67 25.40 -7.31 -19.02
CA LYS D 67 24.11 -7.32 -18.31
C LYS D 67 23.57 -8.75 -18.23
N ALA D 68 23.86 -9.55 -19.20
CA ALA D 68 23.47 -10.94 -19.08
C ALA D 68 24.62 -11.91 -18.96
N THR D 69 24.42 -13.08 -18.40
CA THR D 69 25.48 -14.07 -18.43
C THR D 69 24.75 -15.36 -18.74
N LEU D 70 24.89 -15.96 -19.93
CA LEU D 70 24.19 -17.18 -20.27
C LEU D 70 25.07 -18.26 -19.72
N THR D 71 24.43 -19.35 -19.33
CA THR D 71 25.00 -20.42 -18.53
C THR D 71 24.12 -21.61 -18.80
N ALA D 72 24.59 -22.83 -18.68
CA ALA D 72 23.72 -23.98 -18.86
C ALA D 72 24.19 -25.08 -17.97
N ASP D 73 23.26 -25.92 -17.66
CA ASP D 73 23.59 -27.02 -16.86
C ASP D 73 23.16 -28.22 -17.68
N LYS D 74 24.12 -28.98 -18.19
CA LYS D 74 24.06 -30.08 -19.16
C LYS D 74 23.14 -31.18 -18.65
N SER D 75 22.78 -31.28 -17.35
CA SER D 75 22.08 -32.42 -16.75
C SER D 75 20.60 -32.31 -16.45
N SER D 76 20.08 -31.08 -16.21
CA SER D 76 18.62 -30.91 -16.06
C SER D 76 18.07 -30.13 -17.24
N SER D 77 18.92 -30.03 -18.25
CA SER D 77 18.61 -29.34 -19.51
C SER D 77 18.05 -27.95 -19.23
N THR D 78 18.76 -27.18 -18.45
CA THR D 78 18.30 -25.84 -18.11
C THR D 78 19.35 -24.81 -18.50
N ALA D 79 18.93 -23.92 -19.43
CA ALA D 79 19.83 -22.81 -19.72
C ALA D 79 19.43 -21.71 -18.76
N TYR D 80 20.28 -20.73 -18.56
CA TYR D 80 19.97 -19.69 -17.64
C TYR D 80 20.50 -18.46 -18.22
N MET D 81 19.83 -17.42 -17.82
CA MET D 81 20.29 -16.11 -18.16
C MET D 81 20.18 -15.40 -16.84
N GLN D 82 21.15 -14.55 -16.53
CA GLN D 82 21.15 -13.75 -15.35
C GLN D 82 21.37 -12.32 -15.80
N LEU D 83 20.58 -11.48 -15.20
CA LEU D 83 20.60 -10.12 -15.59
C LEU D 83 21.00 -9.43 -14.32
N ASN D 84 22.12 -8.78 -14.53
CA ASN D 84 22.89 -8.05 -13.55
C ASN D 84 22.55 -6.61 -13.54
N SER D 85 22.71 -6.06 -12.33
CA SER D 85 22.46 -4.67 -12.00
C SER D 85 21.17 -4.13 -12.60
N LEU D 86 20.10 -4.87 -12.28
CA LEU D 86 18.81 -4.63 -12.85
C LEU D 86 18.38 -3.21 -12.68
N THR D 87 17.71 -2.76 -13.70
CA THR D 87 17.26 -1.42 -13.74
C THR D 87 15.96 -1.40 -14.53
N SER D 88 15.21 -0.30 -14.47
CA SER D 88 13.89 -0.16 -15.07
C SER D 88 13.84 -0.55 -16.52
N GLU D 89 14.88 -0.22 -17.25
CA GLU D 89 14.96 -0.59 -18.64
C GLU D 89 14.98 -2.11 -18.74
N ASP D 90 15.58 -2.83 -17.84
CA ASP D 90 15.52 -4.27 -17.86
C ASP D 90 14.14 -4.87 -17.65
N SER D 91 13.06 -4.11 -17.44
CA SER D 91 11.76 -4.74 -17.26
C SER D 91 11.26 -5.16 -18.64
N ALA D 92 11.01 -6.44 -18.95
CA ALA D 92 10.58 -6.85 -20.27
C ALA D 92 10.28 -8.31 -20.28
N VAL D 93 9.88 -8.88 -21.40
CA VAL D 93 9.68 -10.29 -21.40
C VAL D 93 10.93 -10.80 -22.03
N TYR D 94 11.43 -11.86 -21.44
CA TYR D 94 12.65 -12.47 -21.89
C TYR D 94 12.20 -13.83 -22.40
N PHE D 95 12.70 -14.26 -23.56
CA PHE D 95 12.32 -15.52 -24.20
C PHE D 95 13.49 -16.44 -24.48
N CYS D 96 13.48 -17.81 -24.41
CA CYS D 96 14.59 -18.68 -24.86
C CYS D 96 14.14 -19.44 -26.12
N LYS D 97 15.09 -20.17 -26.74
CA LYS D 97 14.84 -20.87 -28.06
C LYS D 97 15.70 -22.16 -28.27
N ARG D 98 15.27 -22.96 -29.28
CA ARG D 98 15.85 -24.31 -29.60
C ARG D 98 16.94 -24.40 -30.70
N SER D 99 17.16 -23.38 -31.49
CA SER D 99 18.15 -23.50 -32.58
C SER D 99 18.25 -22.17 -33.28
N TYR D 100 18.39 -22.23 -34.57
CA TYR D 100 18.33 -21.03 -35.38
C TYR D 100 16.84 -20.78 -35.57
N TYR D 101 16.20 -21.77 -36.18
CA TYR D 101 14.76 -21.76 -36.40
C TYR D 101 14.10 -22.78 -35.49
N GLY D 102 13.69 -22.34 -34.35
CA GLY D 102 13.12 -23.25 -33.38
C GLY D 102 11.96 -22.66 -32.63
N HIS D 103 11.66 -23.57 -31.77
CA HIS D 103 10.53 -23.40 -30.88
C HIS D 103 10.88 -22.45 -29.75
N TRP D 104 10.03 -21.41 -29.56
CA TRP D 104 10.22 -20.43 -28.50
C TRP D 104 9.58 -20.95 -27.21
N GLY D 105 10.07 -20.47 -26.12
CA GLY D 105 9.47 -20.74 -24.85
C GLY D 105 8.45 -19.65 -24.59
N GLN D 106 7.75 -19.92 -23.53
CA GLN D 106 6.65 -19.13 -23.10
C GLN D 106 6.89 -17.68 -22.74
N GLY D 107 8.07 -17.24 -22.32
CA GLY D 107 8.24 -15.88 -21.85
C GLY D 107 8.11 -15.77 -20.33
N THR D 108 9.10 -15.06 -19.75
CA THR D 108 9.17 -14.77 -18.32
C THR D 108 9.10 -13.25 -18.25
N THR D 109 8.27 -12.71 -17.38
CA THR D 109 8.05 -11.27 -17.35
C THR D 109 8.84 -10.62 -16.22
N LEU D 110 9.84 -9.78 -16.44
CA LEU D 110 10.60 -9.22 -15.33
C LEU D 110 10.09 -7.84 -14.93
N THR D 111 9.57 -7.58 -13.73
CA THR D 111 9.21 -6.19 -13.46
C THR D 111 10.36 -5.77 -12.59
N VAL D 112 11.00 -4.68 -12.90
CA VAL D 112 12.07 -4.26 -12.05
C VAL D 112 11.65 -2.99 -11.36
N SER D 113 11.37 -3.19 -10.09
CA SER D 113 10.88 -2.10 -9.31
C SER D 113 11.28 -2.27 -7.86
N SER D 114 11.09 -1.08 -7.32
CA SER D 114 11.29 -0.69 -5.94
C SER D 114 10.08 -1.05 -5.08
N ALA D 115 8.88 -1.03 -5.68
CA ALA D 115 7.62 -1.28 -4.99
C ALA D 115 7.48 -2.66 -4.37
N SER D 116 6.48 -2.86 -3.50
CA SER D 116 6.21 -4.16 -2.90
C SER D 116 5.11 -4.85 -3.71
N THR D 117 5.11 -6.18 -3.63
CA THR D 117 4.14 -7.04 -4.27
C THR D 117 2.76 -7.02 -3.63
N LYS D 118 1.69 -6.76 -4.38
CA LYS D 118 0.33 -6.82 -3.87
C LYS D 118 -0.46 -7.75 -4.78
N GLY D 119 -1.03 -8.75 -4.16
CA GLY D 119 -1.96 -9.66 -4.81
C GLY D 119 -3.30 -8.92 -4.90
N PRO D 120 -4.22 -9.36 -5.75
CA PRO D 120 -5.33 -8.56 -6.17
C PRO D 120 -6.54 -8.65 -5.27
N SER D 121 -7.43 -7.67 -5.43
CA SER D 121 -8.74 -7.68 -4.81
C SER D 121 -9.69 -8.05 -5.92
N VAL D 122 -10.52 -9.08 -5.83
CA VAL D 122 -11.41 -9.38 -6.92
C VAL D 122 -12.82 -8.84 -6.72
N PHE D 123 -13.17 -7.77 -7.41
CA PHE D 123 -14.51 -7.25 -7.35
C PHE D 123 -15.41 -7.78 -8.42
N PRO D 124 -16.68 -7.88 -8.12
CA PRO D 124 -17.70 -8.22 -9.10
C PRO D 124 -18.36 -7.13 -9.92
N LEU D 125 -18.64 -7.45 -11.18
CA LEU D 125 -19.29 -6.57 -12.13
C LEU D 125 -20.55 -7.29 -12.55
N ALA D 126 -21.71 -6.77 -12.17
CA ALA D 126 -22.99 -7.35 -12.56
C ALA D 126 -24.02 -6.24 -12.73
N PRO D 127 -24.96 -6.21 -13.70
CA PRO D 127 -25.68 -4.99 -14.06
C PRO D 127 -26.74 -4.59 -13.03
N CYS D 128 -27.38 -3.37 -13.01
CA CYS D 128 -28.35 -2.95 -11.98
C CYS D 128 -29.72 -3.61 -12.25
N SER D 129 -29.91 -4.03 -13.50
CA SER D 129 -31.17 -4.68 -13.97
C SER D 129 -30.99 -5.31 -15.38
N ARG D 130 -31.96 -6.22 -15.76
CA ARG D 130 -31.93 -6.92 -17.06
C ARG D 130 -32.40 -5.98 -18.17
N SER D 131 -32.37 -6.50 -19.38
CA SER D 131 -32.78 -5.75 -20.59
C SER D 131 -32.05 -4.40 -20.65
N THR D 132 -30.79 -4.52 -20.27
CA THR D 132 -29.86 -3.40 -20.15
C THR D 132 -29.57 -2.80 -21.53
N SER D 133 -29.73 -3.64 -22.54
CA SER D 133 -29.55 -3.26 -23.96
C SER D 133 -30.30 -4.29 -24.84
N GLU D 134 -29.72 -5.48 -24.94
CA GLU D 134 -30.36 -6.61 -25.68
C GLU D 134 -30.58 -7.78 -24.71
N SER D 135 -30.78 -8.95 -25.27
CA SER D 135 -31.00 -10.17 -24.47
C SER D 135 -29.65 -10.78 -24.07
N THR D 136 -28.74 -9.89 -23.60
CA THR D 136 -27.35 -10.17 -23.37
C THR D 136 -27.02 -9.43 -22.11
N ALA D 137 -26.53 -10.23 -21.20
CA ALA D 137 -26.17 -9.75 -19.93
C ALA D 137 -24.68 -9.88 -19.89
N ALA D 138 -24.04 -9.02 -19.14
CA ALA D 138 -22.62 -9.16 -19.02
C ALA D 138 -22.32 -9.27 -17.55
N LEU D 139 -21.32 -10.07 -17.19
CA LEU D 139 -20.82 -10.22 -15.84
C LEU D 139 -19.32 -10.10 -15.90
N GLY D 140 -18.61 -9.85 -14.84
CA GLY D 140 -17.18 -9.78 -14.95
C GLY D 140 -16.50 -9.76 -13.60
N CYS D 141 -15.19 -9.69 -13.53
CA CYS D 141 -14.51 -9.54 -12.29
C CYS D 141 -13.62 -8.41 -12.55
N LEU D 142 -13.31 -7.70 -11.49
CA LEU D 142 -12.45 -6.55 -11.53
C LEU D 142 -11.32 -7.07 -10.68
N VAL D 143 -10.39 -7.30 -11.11
CA VAL D 143 -9.10 -7.57 -10.48
C VAL D 143 -8.37 -6.26 -10.29
N LYS D 144 -8.62 -5.65 -9.16
CA LYS D 144 -8.08 -4.33 -8.87
C LYS D 144 -6.93 -4.36 -7.87
N ASP D 145 -6.09 -3.38 -8.08
CA ASP D 145 -4.92 -3.05 -7.24
C ASP D 145 -3.97 -4.23 -6.98
N TYR D 146 -3.28 -4.71 -8.00
CA TYR D 146 -2.24 -5.76 -7.81
C TYR D 146 -0.93 -5.29 -8.42
N PHE D 147 0.16 -5.90 -8.05
CA PHE D 147 1.47 -5.58 -8.56
C PHE D 147 2.22 -6.84 -8.26
N PRO D 148 3.09 -7.36 -9.09
CA PRO D 148 3.31 -6.86 -10.43
C PRO D 148 2.46 -7.63 -11.42
N GLU D 149 2.58 -7.27 -12.70
CA GLU D 149 1.94 -8.05 -13.76
C GLU D 149 2.61 -9.41 -13.77
N PRO D 150 2.03 -10.52 -14.15
CA PRO D 150 0.75 -10.65 -14.80
C PRO D 150 -0.36 -11.28 -13.95
N VAL D 151 -1.66 -11.05 -14.23
CA VAL D 151 -2.72 -11.76 -13.51
C VAL D 151 -3.38 -12.72 -14.49
N THR D 152 -3.81 -13.96 -14.25
CA THR D 152 -4.53 -14.66 -15.30
C THR D 152 -5.96 -14.93 -14.90
N VAL D 153 -6.95 -14.54 -15.71
CA VAL D 153 -8.35 -14.75 -15.36
C VAL D 153 -8.85 -15.92 -16.18
N SER D 154 -9.72 -16.75 -15.65
CA SER D 154 -10.27 -17.88 -16.38
C SER D 154 -11.72 -18.01 -15.96
N TRP D 155 -12.76 -18.19 -16.78
CA TRP D 155 -14.06 -18.33 -16.18
C TRP D 155 -14.43 -19.80 -16.03
N ASN D 156 -15.27 -20.05 -15.04
CA ASN D 156 -15.69 -21.34 -14.61
C ASN D 156 -14.69 -22.45 -14.60
N SER D 157 -13.57 -22.05 -14.04
CA SER D 157 -12.42 -22.92 -13.85
C SER D 157 -12.02 -23.58 -15.18
N GLY D 158 -12.01 -22.73 -16.21
CA GLY D 158 -11.51 -23.08 -17.51
C GLY D 158 -12.61 -23.50 -18.46
N ALA D 159 -13.76 -23.93 -17.94
CA ALA D 159 -14.83 -24.39 -18.80
C ALA D 159 -15.61 -23.32 -19.55
N LEU D 160 -15.24 -22.04 -19.58
CA LEU D 160 -16.09 -21.03 -20.19
C LEU D 160 -15.24 -20.19 -21.08
N THR D 161 -15.31 -20.39 -22.38
CA THR D 161 -14.55 -19.64 -23.37
C THR D 161 -15.43 -18.67 -24.17
N SER D 162 -16.60 -19.17 -24.51
CA SER D 162 -17.61 -18.51 -25.30
C SER D 162 -18.16 -17.22 -24.70
N GLY D 163 -17.46 -16.12 -25.00
CA GLY D 163 -17.94 -14.83 -24.58
C GLY D 163 -17.06 -14.09 -23.59
N VAL D 164 -15.93 -14.65 -23.11
CA VAL D 164 -15.08 -13.91 -22.18
C VAL D 164 -14.21 -12.93 -22.90
N HIS D 165 -13.85 -11.89 -22.22
CA HIS D 165 -13.00 -10.88 -22.77
C HIS D 165 -12.27 -10.43 -21.53
N THR D 166 -10.95 -10.51 -21.55
CA THR D 166 -10.14 -10.06 -20.43
C THR D 166 -9.26 -9.01 -21.05
N PHE D 167 -9.38 -7.79 -20.51
CA PHE D 167 -8.68 -6.61 -21.01
C PHE D 167 -7.19 -6.54 -20.65
N PRO D 168 -6.39 -5.83 -21.39
CA PRO D 168 -5.03 -5.58 -20.98
C PRO D 168 -5.07 -4.86 -19.66
N ALA D 169 -4.13 -5.25 -18.79
CA ALA D 169 -4.05 -4.63 -17.49
C ALA D 169 -3.71 -3.20 -17.64
N VAL D 170 -4.28 -2.44 -16.75
CA VAL D 170 -4.05 -1.01 -16.75
C VAL D 170 -3.34 -0.61 -15.46
N LEU D 171 -2.41 0.33 -15.62
CA LEU D 171 -1.59 0.92 -14.56
C LEU D 171 -2.22 2.21 -14.07
N GLN D 172 -2.72 2.12 -12.86
CA GLN D 172 -3.44 3.19 -12.25
C GLN D 172 -2.50 4.24 -11.68
N SER D 173 -3.14 5.33 -11.20
CA SER D 173 -2.54 6.44 -10.48
C SER D 173 -1.66 5.93 -9.32
N SER D 174 -2.16 5.00 -8.51
CA SER D 174 -1.40 4.47 -7.40
C SER D 174 -0.15 3.75 -7.75
N GLY D 175 -0.02 3.27 -8.97
CA GLY D 175 1.13 2.47 -9.33
C GLY D 175 0.88 0.98 -9.22
N LEU D 176 -0.38 0.60 -9.04
CA LEU D 176 -0.77 -0.80 -9.02
C LEU D 176 -1.68 -0.97 -10.25
N TYR D 177 -1.88 -2.21 -10.69
CA TYR D 177 -2.66 -2.50 -11.86
C TYR D 177 -4.14 -2.76 -11.56
N SER D 178 -5.01 -2.75 -12.55
CA SER D 178 -6.44 -3.04 -12.48
C SER D 178 -6.73 -3.78 -13.77
N LEU D 179 -7.81 -4.52 -13.91
CA LEU D 179 -8.08 -5.32 -15.09
C LEU D 179 -9.47 -5.86 -14.86
N SER D 180 -10.26 -5.95 -15.89
CA SER D 180 -11.64 -6.36 -15.78
C SER D 180 -11.67 -7.59 -16.66
N SER D 181 -12.45 -8.61 -16.40
CA SER D 181 -12.57 -9.71 -17.29
C SER D 181 -14.04 -9.83 -17.28
N VAL D 182 -14.68 -9.64 -18.41
CA VAL D 182 -16.11 -9.76 -18.51
C VAL D 182 -16.53 -10.83 -19.47
N VAL D 183 -17.74 -11.33 -19.26
CA VAL D 183 -18.33 -12.37 -20.04
C VAL D 183 -19.73 -11.91 -20.44
N THR D 184 -20.12 -12.24 -21.66
CA THR D 184 -21.45 -11.97 -22.12
C THR D 184 -22.15 -13.25 -22.46
N VAL D 185 -23.27 -13.29 -21.80
CA VAL D 185 -24.20 -14.36 -21.94
C VAL D 185 -25.45 -13.70 -22.45
N PRO D 186 -26.33 -14.48 -23.03
CA PRO D 186 -27.73 -14.09 -23.18
C PRO D 186 -28.47 -13.97 -21.85
N SER D 187 -29.53 -13.16 -21.74
CA SER D 187 -30.29 -12.98 -20.50
C SER D 187 -31.00 -14.22 -19.97
N SER D 188 -31.48 -15.06 -20.90
CA SER D 188 -32.19 -16.30 -20.64
C SER D 188 -31.58 -17.13 -19.52
N SER D 189 -30.27 -17.15 -19.70
CA SER D 189 -29.38 -17.88 -18.85
C SER D 189 -29.09 -17.36 -17.45
N LEU D 190 -29.70 -16.32 -16.86
CA LEU D 190 -29.36 -15.96 -15.49
C LEU D 190 -30.02 -16.95 -14.54
N GLY D 191 -29.29 -18.05 -14.36
CA GLY D 191 -29.74 -19.20 -13.58
C GLY D 191 -29.26 -20.52 -14.19
N THR D 192 -29.11 -20.56 -15.53
CA THR D 192 -28.64 -21.70 -16.33
C THR D 192 -27.22 -22.24 -16.00
N LYS D 193 -26.39 -21.33 -15.50
CA LYS D 193 -25.00 -21.58 -15.20
C LYS D 193 -24.66 -20.76 -13.95
N THR D 194 -23.60 -21.14 -13.24
CA THR D 194 -23.08 -20.44 -12.08
C THR D 194 -21.86 -19.70 -12.58
N TYR D 195 -21.58 -18.41 -12.40
CA TYR D 195 -20.36 -17.87 -12.99
C TYR D 195 -19.23 -17.79 -11.98
N THR D 196 -18.07 -18.41 -12.19
CA THR D 196 -16.95 -18.35 -11.25
C THR D 196 -15.77 -17.72 -11.95
N CYS D 197 -15.07 -16.70 -11.49
CA CYS D 197 -13.90 -16.24 -12.21
C CYS D 197 -12.75 -16.68 -11.36
N ASN D 198 -11.71 -17.28 -11.89
CA ASN D 198 -10.61 -17.70 -11.04
C ASN D 198 -9.47 -16.78 -11.35
N VAL D 199 -9.01 -15.95 -10.40
CA VAL D 199 -7.98 -14.96 -10.66
C VAL D 199 -6.66 -15.51 -10.19
N ASP D 200 -5.56 -15.43 -10.95
CA ASP D 200 -4.30 -15.94 -10.45
C ASP D 200 -3.25 -14.88 -10.53
N HIS D 201 -2.53 -14.72 -9.43
CA HIS D 201 -1.42 -13.80 -9.41
C HIS D 201 -0.31 -14.64 -8.87
N LYS D 202 0.49 -15.32 -9.71
CA LYS D 202 1.56 -16.15 -9.18
C LYS D 202 2.65 -15.41 -8.46
N PRO D 203 3.13 -14.18 -8.76
CA PRO D 203 4.13 -13.50 -7.97
C PRO D 203 3.76 -13.34 -6.52
N SER D 204 2.52 -13.55 -6.09
CA SER D 204 2.22 -13.43 -4.67
C SER D 204 1.30 -14.54 -4.19
N ASN D 205 1.32 -15.68 -4.89
CA ASN D 205 0.48 -16.83 -4.61
C ASN D 205 -0.94 -16.50 -4.09
N THR D 206 -1.65 -15.66 -4.82
CA THR D 206 -2.98 -15.29 -4.39
C THR D 206 -3.85 -16.03 -5.37
N LYS D 207 -4.80 -16.87 -4.97
CA LYS D 207 -5.63 -17.55 -5.94
C LYS D 207 -7.03 -17.34 -5.45
N VAL D 208 -7.90 -16.71 -6.24
CA VAL D 208 -9.25 -16.43 -5.77
C VAL D 208 -10.21 -17.07 -6.72
N ASP D 209 -11.39 -17.49 -6.29
CA ASP D 209 -12.39 -17.94 -7.21
C ASP D 209 -13.67 -17.21 -6.85
N LYS D 210 -14.02 -16.06 -7.45
CA LYS D 210 -15.24 -15.32 -7.13
C LYS D 210 -16.47 -15.91 -7.82
N ARG D 211 -17.71 -15.68 -7.38
CA ARG D 211 -18.88 -16.12 -8.11
C ARG D 211 -19.79 -14.91 -8.22
N VAL D 212 -20.47 -14.83 -9.35
CA VAL D 212 -21.26 -13.68 -9.77
C VAL D 212 -22.77 -14.00 -10.00
#